data_4IEM
#
_entry.id   4IEM
#
_cell.length_a   104.639
_cell.length_b   74.090
_cell.length_c   112.138
_cell.angle_alpha   90.00
_cell.angle_beta   111.98
_cell.angle_gamma   90.00
#
_symmetry.space_group_name_H-M   'P 1 21 1'
#
loop_
_entity.id
_entity.type
_entity.pdbx_description
1 polymer 'DNA-(apurinic or apyrimidinic site) lyase'
2 polymer "DNA (5'-D(*GP*CP*TP*AP*C)-3')"
3 polymer "DNA (5'-D(P*(3DR)P*GP*AP*TP*CP*G)-3')"
4 polymer "DNA (5'-D(*CP*GP*AP*TP*CP*GP*GP*TP*AP*GP*C)-3')"
5 non-polymer 'MAGNESIUM ION'
6 non-polymer 'SODIUM ION'
7 water water
#
loop_
_entity_poly.entity_id
_entity_poly.type
_entity_poly.pdbx_seq_one_letter_code
_entity_poly.pdbx_strand_id
1 'polypeptide(L)'
;PKRGKKGAVAEDGDELRTEPEAKKSKTAAKKNDKEAAGEGPALYEDPPDQKTSPSGKPATLKICSWNVDGLRAWIKKKGL
DWVKEEAPDILCLQETKCSENKLPAELQELPGLSHQYWSAPSDKEGYSGVGLLSRQCPLKVSYGIGDEEHDQEGRVIVAE
FDSFVLVTAYVPNAGRGLVRLEYRQRWDEAFRKFLKGLASRKPLVLCGDLNVAHEEIDLRNPKGNKKNAGFTPQERQGFG
ELLQAVPLADSFRHLYPNTPYAYTFWTYMMNARSKNVGWRLDYFLLSHSLLPALCDSKIRSKALGSDHCPITLYLAL
;
A,B,C,D
2 'polydeoxyribonucleotide' (DG)(DC)(DT)(DA)(DC) E,H,K,N
3 'polydeoxyribonucleotide' (3DR)(DG)(DA)(DT)(DC)(DG) F,I,L,O
4 'polydeoxyribonucleotide' (DC)(DG)(DA)(DT)(DC)(DG)(DG)(DT)(DA)(DG)(DC) G,J,M,P
#
# COMPACT_ATOMS: atom_id res chain seq x y z
N GLY A 40 50.24 -41.82 -42.57
CA GLY A 40 50.06 -41.52 -41.17
C GLY A 40 48.80 -40.70 -40.92
N PRO A 41 48.26 -40.77 -39.68
CA PRO A 41 47.02 -40.05 -39.37
C PRO A 41 47.23 -38.62 -38.88
N ALA A 42 46.26 -37.76 -39.15
CA ALA A 42 46.28 -36.38 -38.69
C ALA A 42 45.86 -36.33 -37.22
N LEU A 43 46.84 -36.25 -36.34
CA LEU A 43 46.60 -36.29 -34.91
C LEU A 43 46.74 -34.91 -34.28
N TYR A 44 46.38 -34.81 -33.01
CA TYR A 44 46.29 -33.52 -32.32
C TYR A 44 46.71 -33.61 -30.85
N GLU A 45 47.51 -32.64 -30.42
CA GLU A 45 47.90 -32.53 -29.01
C GLU A 45 47.58 -31.14 -28.47
N ASP A 46 46.57 -31.06 -27.60
CA ASP A 46 46.17 -29.82 -26.96
C ASP A 46 47.38 -29.18 -26.27
N PRO A 47 47.62 -27.88 -26.54
CA PRO A 47 48.74 -27.21 -25.87
C PRO A 47 48.50 -27.10 -24.37
N PRO A 48 49.58 -26.90 -23.59
CA PRO A 48 49.49 -26.72 -22.14
C PRO A 48 48.48 -25.66 -21.73
N ASP A 49 47.94 -25.80 -20.52
CA ASP A 49 47.00 -24.84 -19.97
C ASP A 49 47.66 -23.47 -19.78
N GLN A 50 47.13 -22.45 -20.46
CA GLN A 50 47.57 -21.08 -20.21
C GLN A 50 46.62 -20.44 -19.21
N LYS A 51 47.11 -20.24 -17.99
CA LYS A 51 46.27 -19.84 -16.86
C LYS A 51 46.42 -18.35 -16.56
N THR A 52 46.40 -17.55 -17.62
CA THR A 52 46.59 -16.11 -17.50
C THR A 52 45.89 -15.37 -18.63
N SER A 53 45.23 -14.26 -18.30
CA SER A 53 44.49 -13.49 -19.28
C SER A 53 45.45 -12.57 -20.01
N PRO A 54 45.01 -12.00 -21.15
CA PRO A 54 45.85 -11.04 -21.88
C PRO A 54 46.29 -9.87 -21.00
N SER A 55 45.38 -9.39 -20.15
CA SER A 55 45.66 -8.26 -19.26
C SER A 55 46.75 -8.61 -18.24
N GLY A 56 47.08 -9.89 -18.13
CA GLY A 56 48.10 -10.35 -17.22
C GLY A 56 47.53 -11.05 -16.00
N LYS A 57 46.20 -11.09 -15.91
CA LYS A 57 45.53 -11.56 -14.71
C LYS A 57 45.33 -13.09 -14.71
N PRO A 58 45.61 -13.75 -13.56
CA PRO A 58 45.46 -15.20 -13.42
C PRO A 58 44.02 -15.69 -13.38
N ALA A 59 43.82 -16.95 -13.79
CA ALA A 59 42.49 -17.56 -13.84
C ALA A 59 41.94 -17.81 -12.45
N THR A 60 40.68 -17.42 -12.24
CA THR A 60 40.00 -17.64 -10.96
C THR A 60 38.85 -18.63 -11.08
N LEU A 61 38.50 -19.01 -12.30
CA LEU A 61 37.34 -19.87 -12.52
C LEU A 61 37.60 -20.90 -13.62
N LYS A 62 37.45 -22.17 -13.26
CA LYS A 62 37.65 -23.28 -14.18
C LYS A 62 36.33 -24.02 -14.43
N ILE A 63 35.84 -23.97 -15.66
CA ILE A 63 34.61 -24.66 -16.01
C ILE A 63 34.93 -25.86 -16.88
N CYS A 64 34.24 -26.96 -16.64
CA CYS A 64 34.45 -28.17 -17.43
C CYS A 64 33.11 -28.67 -17.98
N SER A 65 33.11 -29.15 -19.21
CA SER A 65 31.89 -29.61 -19.86
C SER A 65 32.11 -30.96 -20.53
N TRP A 66 31.15 -31.86 -20.37
CA TRP A 66 31.31 -33.23 -20.86
C TRP A 66 29.97 -33.89 -21.19
N ASN A 67 29.77 -34.23 -22.46
CA ASN A 67 28.70 -35.15 -22.84
C ASN A 67 29.15 -36.56 -22.50
N VAL A 68 28.46 -37.19 -21.55
CA VAL A 68 28.98 -38.41 -20.93
C VAL A 68 28.31 -39.68 -21.43
N ASP A 69 27.37 -39.54 -22.38
CA ASP A 69 26.72 -40.69 -22.99
C ASP A 69 26.24 -41.69 -21.94
N GLY A 70 25.48 -41.19 -20.97
CA GLY A 70 24.95 -42.03 -19.92
C GLY A 70 25.73 -41.89 -18.62
N LEU A 71 25.14 -41.14 -17.69
CA LEU A 71 25.80 -40.84 -16.42
C LEU A 71 26.18 -42.11 -15.68
N ARG A 72 25.26 -43.06 -15.61
CA ARG A 72 25.49 -44.30 -14.87
C ARG A 72 26.67 -45.09 -15.45
N ALA A 73 26.70 -45.23 -16.78
CA ALA A 73 27.78 -45.95 -17.44
C ALA A 73 29.10 -45.20 -17.30
N TRP A 74 29.03 -43.88 -17.47
CA TRP A 74 30.20 -43.02 -17.37
C TRP A 74 30.86 -43.09 -16.00
N ILE A 75 30.05 -43.24 -14.96
CA ILE A 75 30.55 -43.33 -13.59
C ILE A 75 31.19 -44.69 -13.31
N LYS A 76 30.69 -45.73 -13.97
CA LYS A 76 31.30 -47.06 -13.88
C LYS A 76 32.63 -47.09 -14.61
N LYS A 77 32.73 -46.29 -15.68
CA LYS A 77 33.97 -46.22 -16.44
C LYS A 77 34.93 -45.21 -15.80
N LYS A 78 34.55 -44.71 -14.63
CA LYS A 78 35.44 -43.92 -13.79
C LYS A 78 35.58 -42.46 -14.25
N GLY A 79 34.49 -41.90 -14.76
CA GLY A 79 34.48 -40.51 -15.18
C GLY A 79 34.63 -39.55 -14.01
N LEU A 80 34.12 -39.95 -12.86
CA LEU A 80 34.16 -39.11 -11.67
C LEU A 80 35.59 -38.90 -11.16
N ASP A 81 36.44 -39.92 -11.29
CA ASP A 81 37.82 -39.80 -10.83
C ASP A 81 38.60 -38.81 -11.71
N TRP A 82 38.26 -38.75 -13.00
CA TRP A 82 38.88 -37.75 -13.87
C TRP A 82 38.45 -36.35 -13.45
N VAL A 83 37.17 -36.20 -13.12
CA VAL A 83 36.64 -34.92 -12.67
C VAL A 83 37.32 -34.47 -11.39
N LYS A 84 37.53 -35.41 -10.46
CA LYS A 84 38.19 -35.10 -9.20
C LYS A 84 39.57 -34.50 -9.43
N GLU A 85 40.27 -35.02 -10.45
CA GLU A 85 41.64 -34.58 -10.74
C GLU A 85 41.68 -33.22 -11.42
N GLU A 86 40.74 -32.97 -12.33
CA GLU A 86 40.64 -31.67 -12.99
C GLU A 86 40.10 -30.62 -12.02
N ALA A 87 39.35 -31.08 -11.02
CA ALA A 87 38.85 -30.22 -9.96
C ALA A 87 38.35 -28.88 -10.50
N PRO A 88 37.31 -28.92 -11.36
CA PRO A 88 36.73 -27.67 -11.85
C PRO A 88 35.83 -27.02 -10.82
N ASP A 89 35.58 -25.73 -10.95
CA ASP A 89 34.67 -25.03 -10.05
C ASP A 89 33.24 -25.33 -10.48
N ILE A 90 33.07 -25.56 -11.77
CA ILE A 90 31.77 -25.86 -12.33
C ILE A 90 31.88 -26.99 -13.35
N LEU A 91 30.98 -27.95 -13.26
CA LEU A 91 30.96 -29.08 -14.17
C LEU A 91 29.60 -29.20 -14.85
N CYS A 92 29.61 -29.24 -16.18
CA CYS A 92 28.38 -29.38 -16.96
C CYS A 92 28.35 -30.73 -17.64
N LEU A 93 27.23 -31.44 -17.50
CA LEU A 93 27.09 -32.77 -18.04
C LEU A 93 25.91 -32.82 -18.99
N GLN A 94 26.12 -33.40 -20.16
CA GLN A 94 25.05 -33.61 -21.12
C GLN A 94 24.81 -35.10 -21.36
N GLU A 95 23.59 -35.43 -21.80
CA GLU A 95 23.18 -36.81 -22.03
C GLU A 95 23.42 -37.66 -20.78
N THR A 96 22.82 -37.26 -19.68
CA THR A 96 22.92 -38.03 -18.44
C THR A 96 22.06 -39.28 -18.52
N LYS A 97 20.98 -39.20 -19.29
CA LYS A 97 20.07 -40.33 -19.47
C LYS A 97 19.74 -40.96 -18.13
N CYS A 98 19.42 -40.13 -17.15
CA CYS A 98 19.22 -40.61 -15.79
C CYS A 98 18.28 -39.68 -15.02
N SER A 99 17.27 -40.26 -14.38
CA SER A 99 16.38 -39.49 -13.53
C SER A 99 17.06 -39.24 -12.19
N GLU A 100 16.51 -38.32 -11.40
CA GLU A 100 17.17 -37.91 -10.16
C GLU A 100 17.21 -39.04 -9.12
N ASN A 101 16.18 -39.88 -9.10
CA ASN A 101 16.11 -40.92 -8.10
C ASN A 101 16.98 -42.15 -8.40
N LYS A 102 17.65 -42.14 -9.55
CA LYS A 102 18.56 -43.23 -9.90
C LYS A 102 20.00 -42.74 -10.06
N LEU A 103 20.27 -41.53 -9.58
CA LEU A 103 21.61 -40.97 -9.59
C LEU A 103 22.53 -41.84 -8.74
N PRO A 104 23.66 -42.27 -9.30
CA PRO A 104 24.66 -43.02 -8.52
C PRO A 104 25.09 -42.23 -7.29
N ALA A 105 25.34 -42.91 -6.18
CA ALA A 105 25.62 -42.25 -4.91
C ALA A 105 26.97 -41.53 -4.92
N GLU A 106 27.82 -41.88 -5.87
CA GLU A 106 29.16 -41.27 -5.94
C GLU A 106 29.06 -39.76 -6.07
N LEU A 107 27.95 -39.29 -6.64
CA LEU A 107 27.74 -37.86 -6.86
C LEU A 107 27.58 -37.11 -5.54
N GLN A 108 27.11 -37.82 -4.51
CA GLN A 108 26.99 -37.25 -3.18
C GLN A 108 28.27 -37.45 -2.37
N GLU A 109 29.34 -37.82 -3.07
CA GLU A 109 30.69 -37.87 -2.49
C GLU A 109 31.58 -36.89 -3.24
N LEU A 110 31.05 -35.70 -3.52
CA LEU A 110 31.80 -34.67 -4.23
C LEU A 110 31.78 -33.36 -3.46
N PRO A 111 32.70 -33.22 -2.50
CA PRO A 111 32.69 -32.02 -1.64
C PRO A 111 32.96 -30.75 -2.44
N GLY A 112 33.66 -30.89 -3.56
CA GLY A 112 34.02 -29.73 -4.38
C GLY A 112 32.89 -29.24 -5.27
N LEU A 113 31.85 -30.05 -5.42
CA LEU A 113 30.73 -29.70 -6.29
C LEU A 113 29.42 -30.09 -5.61
N SER A 114 29.08 -29.37 -4.55
CA SER A 114 27.96 -29.73 -3.68
C SER A 114 26.60 -29.29 -4.21
N HIS A 115 26.58 -28.20 -4.97
CA HIS A 115 25.33 -27.67 -5.51
C HIS A 115 25.04 -28.28 -6.87
N GLN A 116 24.11 -29.23 -6.90
CA GLN A 116 23.86 -30.03 -8.09
C GLN A 116 22.44 -29.87 -8.61
N TYR A 117 22.34 -29.59 -9.90
CA TYR A 117 21.05 -29.41 -10.55
C TYR A 117 20.92 -30.35 -11.75
N TRP A 118 19.78 -31.02 -11.84
CA TRP A 118 19.55 -32.01 -12.87
C TRP A 118 18.23 -31.74 -13.57
N SER A 119 18.20 -31.99 -14.87
CA SER A 119 16.98 -31.88 -15.64
C SER A 119 16.83 -33.11 -16.51
N ALA A 120 15.64 -33.70 -16.50
CA ALA A 120 15.34 -34.87 -17.31
C ALA A 120 14.10 -34.60 -18.15
N PRO A 121 13.92 -35.38 -19.22
CA PRO A 121 12.74 -35.19 -20.09
C PRO A 121 11.44 -35.46 -19.34
N SER A 122 10.39 -34.76 -19.72
CA SER A 122 9.09 -34.94 -19.09
C SER A 122 8.59 -36.38 -19.20
N ASP A 123 8.68 -36.96 -20.39
CA ASP A 123 8.07 -38.27 -20.65
C ASP A 123 9.05 -39.35 -21.16
N LYS A 124 10.16 -38.95 -21.76
CA LYS A 124 11.07 -39.93 -22.36
C LYS A 124 12.20 -40.35 -21.42
N GLU A 125 12.05 -41.51 -20.82
CA GLU A 125 13.02 -42.05 -19.87
C GLU A 125 14.32 -42.48 -20.56
N GLY A 126 15.45 -42.24 -19.92
CA GLY A 126 16.73 -42.72 -20.42
C GLY A 126 17.20 -42.01 -21.67
N TYR A 127 16.67 -40.81 -21.89
CA TYR A 127 16.97 -40.02 -23.09
C TYR A 127 17.34 -38.59 -22.71
N SER A 128 18.34 -38.04 -23.38
CA SER A 128 18.76 -36.67 -23.12
C SER A 128 19.12 -36.52 -21.65
N GLY A 129 18.79 -35.37 -21.07
CA GLY A 129 19.11 -35.09 -19.67
C GLY A 129 20.36 -34.27 -19.54
N VAL A 130 20.35 -33.30 -18.63
CA VAL A 130 21.47 -32.41 -18.47
C VAL A 130 21.71 -32.13 -16.99
N GLY A 131 22.97 -31.92 -16.61
CA GLY A 131 23.31 -31.64 -15.22
C GLY A 131 24.31 -30.50 -15.08
N LEU A 132 24.21 -29.77 -13.99
CA LEU A 132 25.14 -28.68 -13.69
C LEU A 132 25.56 -28.77 -12.23
N LEU A 133 26.85 -28.94 -11.99
CA LEU A 133 27.38 -29.08 -10.64
C LEU A 133 28.30 -27.91 -10.34
N SER A 134 28.28 -27.41 -9.11
CA SER A 134 28.95 -26.15 -8.80
C SER A 134 29.53 -26.12 -7.38
N ARG A 135 30.67 -25.45 -7.23
CA ARG A 135 31.29 -25.27 -5.93
C ARG A 135 30.52 -24.20 -5.15
N GLN A 136 30.35 -23.04 -5.77
CA GLN A 136 29.56 -21.95 -5.20
C GLN A 136 28.09 -22.13 -5.56
N CYS A 137 27.21 -21.64 -4.69
CA CYS A 137 25.79 -21.68 -4.98
C CYS A 137 25.43 -20.54 -5.93
N PRO A 138 24.80 -20.87 -7.06
CA PRO A 138 24.35 -19.82 -7.98
C PRO A 138 23.34 -18.89 -7.31
N LEU A 139 23.27 -17.65 -7.79
CA LEU A 139 22.23 -16.73 -7.34
C LEU A 139 20.87 -17.22 -7.81
N LYS A 140 20.85 -17.87 -8.97
CA LYS A 140 19.61 -18.16 -9.66
C LYS A 140 19.76 -19.36 -10.57
N VAL A 141 18.77 -20.26 -10.55
CA VAL A 141 18.77 -21.42 -11.44
C VAL A 141 17.38 -21.64 -12.04
N SER A 142 17.32 -21.98 -13.32
CA SER A 142 16.06 -22.27 -13.97
C SER A 142 16.27 -23.30 -15.06
N TYR A 143 15.17 -23.85 -15.59
CA TYR A 143 15.24 -24.93 -16.57
C TYR A 143 14.49 -24.62 -17.87
N GLY A 144 15.07 -25.00 -18.99
CA GLY A 144 14.47 -24.79 -20.29
C GLY A 144 14.71 -23.39 -20.84
N ILE A 145 14.17 -23.12 -22.01
CA ILE A 145 14.40 -21.86 -22.70
C ILE A 145 13.13 -21.02 -22.79
N GLY A 146 12.18 -21.26 -21.88
CA GLY A 146 10.98 -20.46 -21.80
C GLY A 146 9.96 -20.74 -22.89
N ASP A 147 10.05 -21.90 -23.52
CA ASP A 147 9.18 -22.25 -24.63
C ASP A 147 8.77 -23.72 -24.51
N GLU A 148 7.49 -23.96 -24.26
CA GLU A 148 6.99 -25.29 -23.91
C GLU A 148 7.40 -26.36 -24.92
N GLU A 149 7.28 -26.06 -26.20
CA GLU A 149 7.58 -27.04 -27.25
C GLU A 149 9.00 -27.57 -27.13
N HIS A 150 9.88 -26.75 -26.58
CA HIS A 150 11.30 -27.07 -26.55
C HIS A 150 11.81 -27.40 -25.15
N ASP A 151 10.90 -27.45 -24.18
CA ASP A 151 11.27 -27.68 -22.79
C ASP A 151 10.83 -29.05 -22.26
N GLN A 152 10.54 -29.97 -23.15
CA GLN A 152 10.03 -31.28 -22.75
C GLN A 152 11.11 -32.36 -22.65
N GLU A 153 12.33 -32.04 -23.07
CA GLU A 153 13.38 -33.06 -23.19
C GLU A 153 14.60 -32.81 -22.30
N GLY A 154 14.45 -31.97 -21.29
CA GLY A 154 15.50 -31.78 -20.30
C GLY A 154 16.86 -31.51 -20.91
N ARG A 155 16.96 -30.40 -21.64
CA ARG A 155 18.16 -30.12 -22.43
C ARG A 155 18.96 -28.90 -21.95
N VAL A 156 18.32 -28.03 -21.17
CA VAL A 156 18.95 -26.78 -20.77
C VAL A 156 18.80 -26.48 -19.29
N ILE A 157 19.90 -26.06 -18.69
CA ILE A 157 19.90 -25.50 -17.35
C ILE A 157 20.57 -24.13 -17.39
N VAL A 158 20.01 -23.18 -16.66
CA VAL A 158 20.55 -21.83 -16.60
C VAL A 158 20.92 -21.52 -15.17
N ALA A 159 22.18 -21.16 -14.95
CA ALA A 159 22.68 -20.80 -13.62
C ALA A 159 23.29 -19.41 -13.66
N GLU A 160 22.71 -18.48 -12.90
CA GLU A 160 23.15 -17.10 -12.87
C GLU A 160 24.06 -16.85 -11.68
N PHE A 161 25.24 -16.33 -11.95
CA PHE A 161 26.18 -15.97 -10.89
C PHE A 161 26.43 -14.48 -10.85
N ASP A 162 27.29 -14.07 -9.93
CA ASP A 162 27.71 -12.68 -9.77
C ASP A 162 27.84 -11.92 -11.10
N SER A 163 28.84 -12.27 -11.89
CA SER A 163 29.23 -11.45 -13.04
C SER A 163 28.85 -12.02 -14.40
N PHE A 164 28.40 -13.27 -14.44
CA PHE A 164 27.97 -13.88 -15.69
C PHE A 164 26.83 -14.89 -15.50
N VAL A 165 26.19 -15.26 -16.60
CA VAL A 165 25.15 -16.27 -16.59
C VAL A 165 25.68 -17.50 -17.33
N LEU A 166 25.56 -18.66 -16.70
CA LEU A 166 26.02 -19.90 -17.32
C LEU A 166 24.84 -20.70 -17.85
N VAL A 167 24.93 -21.07 -19.12
CA VAL A 167 23.94 -21.96 -19.72
C VAL A 167 24.61 -23.21 -20.23
N THR A 168 24.09 -24.37 -19.84
CA THR A 168 24.57 -25.64 -20.35
C THR A 168 23.47 -26.20 -21.20
N ALA A 169 23.82 -26.87 -22.30
CA ALA A 169 22.82 -27.34 -23.24
C ALA A 169 23.21 -28.61 -23.98
N TYR A 170 22.22 -29.44 -24.28
CA TYR A 170 22.36 -30.58 -25.17
C TYR A 170 21.37 -30.39 -26.31
N VAL A 171 21.87 -29.88 -27.44
CA VAL A 171 21.04 -29.47 -28.57
C VAL A 171 20.45 -30.69 -29.30
N PRO A 172 19.20 -30.56 -29.80
CA PRO A 172 18.58 -31.73 -30.42
C PRO A 172 19.29 -32.20 -31.69
N ASN A 173 19.54 -33.49 -31.77
CA ASN A 173 20.16 -34.08 -32.96
C ASN A 173 19.19 -34.10 -34.14
N ALA A 174 19.70 -33.82 -35.33
CA ALA A 174 18.87 -33.84 -36.53
C ALA A 174 18.55 -35.28 -36.93
N GLY A 175 19.36 -36.22 -36.44
CA GLY A 175 19.09 -37.63 -36.59
C GLY A 175 19.61 -38.26 -37.87
N ARG A 176 19.74 -39.58 -37.87
CA ARG A 176 20.09 -40.31 -39.08
C ARG A 176 18.95 -40.16 -40.08
N GLY A 177 19.28 -39.71 -41.28
CA GLY A 177 18.26 -39.46 -42.30
C GLY A 177 17.69 -38.06 -42.19
N LEU A 178 18.22 -37.28 -41.25
CA LEU A 178 17.78 -35.90 -41.06
C LEU A 178 16.28 -35.83 -40.81
N VAL A 179 15.74 -36.86 -40.17
CA VAL A 179 14.31 -36.93 -39.90
C VAL A 179 13.82 -35.83 -38.96
N ARG A 180 14.70 -35.27 -38.15
CA ARG A 180 14.33 -34.25 -37.18
CA ARG A 180 14.32 -34.24 -37.20
C ARG A 180 15.01 -32.92 -37.50
N LEU A 181 15.47 -32.76 -38.74
CA LEU A 181 16.16 -31.55 -39.16
C LEU A 181 15.28 -30.31 -39.06
N GLU A 182 14.00 -30.47 -39.38
CA GLU A 182 13.06 -29.35 -39.40
C GLU A 182 12.80 -28.85 -37.97
N TYR A 183 12.60 -29.77 -37.03
CA TYR A 183 12.45 -29.39 -35.63
C TYR A 183 13.73 -28.70 -35.13
N ARG A 184 14.87 -29.26 -35.48
CA ARG A 184 16.16 -28.68 -35.10
C ARG A 184 16.22 -27.22 -35.49
N GLN A 185 15.78 -26.93 -36.72
CA GLN A 185 15.72 -25.55 -37.19
C GLN A 185 14.84 -24.71 -36.27
N ARG A 186 13.69 -25.26 -35.87
CA ARG A 186 12.80 -24.57 -34.95
C ARG A 186 13.49 -24.32 -33.61
N TRP A 187 14.23 -25.32 -33.13
CA TRP A 187 14.98 -25.19 -31.89
C TRP A 187 16.02 -24.07 -31.98
N ASP A 188 16.85 -24.14 -33.02
CA ASP A 188 17.92 -23.16 -33.22
C ASP A 188 17.41 -21.73 -33.08
N GLU A 189 16.25 -21.46 -33.67
CA GLU A 189 15.67 -20.12 -33.60
C GLU A 189 15.25 -19.76 -32.18
N ALA A 190 14.46 -20.63 -31.56
CA ALA A 190 13.97 -20.37 -30.21
C ALA A 190 15.13 -20.21 -29.24
N PHE A 191 16.15 -21.04 -29.41
CA PHE A 191 17.32 -21.02 -28.54
C PHE A 191 18.07 -19.71 -28.70
N ARG A 192 18.27 -19.30 -29.94
CA ARG A 192 18.94 -18.05 -30.25
C ARG A 192 18.22 -16.87 -29.59
N LYS A 193 16.92 -16.76 -29.83
CA LYS A 193 16.13 -15.69 -29.24
C LYS A 193 16.29 -15.66 -27.72
N PHE A 194 16.24 -16.84 -27.12
CA PHE A 194 16.32 -16.95 -25.67
C PHE A 194 17.67 -16.48 -25.15
N LEU A 195 18.75 -16.89 -25.82
CA LEU A 195 20.09 -16.55 -25.37
C LEU A 195 20.38 -15.07 -25.56
N LYS A 196 19.86 -14.50 -26.64
CA LYS A 196 20.00 -13.07 -26.86
C LYS A 196 19.38 -12.32 -25.69
N GLY A 197 18.27 -12.86 -25.18
CA GLY A 197 17.59 -12.28 -24.04
C GLY A 197 18.47 -12.26 -22.80
N LEU A 198 19.02 -13.42 -22.46
CA LEU A 198 19.90 -13.51 -21.30
C LEU A 198 21.10 -12.57 -21.45
N ALA A 199 21.74 -12.63 -22.61
CA ALA A 199 22.96 -11.87 -22.85
C ALA A 199 22.74 -10.37 -22.70
N SER A 200 21.56 -9.91 -23.12
CA SER A 200 21.23 -8.49 -23.05
C SER A 200 21.16 -7.98 -21.61
N ARG A 201 21.17 -8.88 -20.64
CA ARG A 201 21.04 -8.49 -19.24
C ARG A 201 22.29 -8.82 -18.42
N LYS A 202 23.14 -9.70 -18.95
CA LYS A 202 24.34 -10.10 -18.25
C LYS A 202 25.23 -10.89 -19.19
N PRO A 203 26.57 -10.80 -19.01
CA PRO A 203 27.49 -11.58 -19.84
C PRO A 203 27.18 -13.08 -19.78
N LEU A 204 27.24 -13.74 -20.92
CA LEU A 204 26.80 -15.14 -21.03
C LEU A 204 27.94 -16.10 -21.36
N VAL A 205 27.95 -17.23 -20.66
CA VAL A 205 28.79 -18.35 -21.03
C VAL A 205 27.87 -19.51 -21.40
N LEU A 206 28.01 -19.99 -22.64
CA LEU A 206 27.22 -21.13 -23.10
C LEU A 206 28.15 -22.30 -23.41
N CYS A 207 27.91 -23.44 -22.77
CA CYS A 207 28.74 -24.61 -23.00
C CYS A 207 27.89 -25.86 -23.21
N GLY A 208 28.51 -26.89 -23.78
CA GLY A 208 27.86 -28.17 -23.94
C GLY A 208 27.93 -28.70 -25.36
N ASP A 209 27.06 -29.64 -25.67
CA ASP A 209 27.03 -30.28 -26.97
C ASP A 209 26.03 -29.54 -27.85
N LEU A 210 26.56 -28.64 -28.68
CA LEU A 210 25.73 -27.84 -29.57
C LEU A 210 25.42 -28.60 -30.85
N ASN A 211 26.02 -29.78 -31.00
CA ASN A 211 25.68 -30.68 -32.09
C ASN A 211 25.83 -30.06 -33.48
N VAL A 212 26.85 -29.21 -33.64
CA VAL A 212 27.26 -28.72 -34.95
C VAL A 212 28.77 -28.68 -35.04
N ALA A 213 29.30 -29.03 -36.21
CA ALA A 213 30.67 -28.67 -36.54
C ALA A 213 30.56 -27.43 -37.40
N HIS A 214 30.92 -26.28 -36.84
CA HIS A 214 30.67 -25.00 -37.51
C HIS A 214 31.28 -24.93 -38.90
N GLU A 215 32.60 -25.10 -38.97
CA GLU A 215 33.31 -24.96 -40.23
C GLU A 215 33.98 -26.28 -40.62
N GLU A 216 34.44 -26.37 -41.86
CA GLU A 216 35.08 -27.58 -42.38
C GLU A 216 36.23 -28.04 -41.48
N ILE A 217 36.92 -27.07 -40.89
CA ILE A 217 38.05 -27.34 -40.02
C ILE A 217 37.60 -28.05 -38.72
N ASP A 218 36.30 -28.03 -38.45
CA ASP A 218 35.77 -28.61 -37.22
C ASP A 218 35.38 -30.08 -37.31
N LEU A 219 35.76 -30.74 -38.41
CA LEU A 219 35.60 -32.19 -38.50
C LEU A 219 36.54 -32.78 -39.54
N ARG A 220 36.91 -34.04 -39.36
CA ARG A 220 37.90 -34.68 -40.20
C ARG A 220 37.45 -34.82 -41.65
N ASN A 221 36.18 -35.19 -41.85
CA ASN A 221 35.66 -35.51 -43.17
C ASN A 221 34.48 -34.63 -43.57
N PRO A 222 34.76 -33.36 -43.89
CA PRO A 222 33.71 -32.40 -44.25
C PRO A 222 32.89 -32.78 -45.49
N LYS A 223 33.54 -33.10 -46.61
CA LYS A 223 32.80 -33.34 -47.85
C LYS A 223 31.85 -34.53 -47.74
N GLY A 224 32.26 -35.57 -47.02
CA GLY A 224 31.47 -36.78 -46.91
C GLY A 224 30.23 -36.62 -46.03
N ASN A 225 30.17 -35.55 -45.25
CA ASN A 225 29.09 -35.37 -44.28
C ASN A 225 28.22 -34.13 -44.52
N LYS A 226 28.19 -33.62 -45.74
CA LYS A 226 27.45 -32.39 -46.02
C LYS A 226 25.93 -32.61 -45.97
N LYS A 227 25.50 -33.87 -45.92
CA LYS A 227 24.09 -34.20 -45.73
C LYS A 227 23.90 -35.06 -44.48
N ASN A 228 24.85 -34.93 -43.55
CA ASN A 228 24.79 -35.69 -42.31
C ASN A 228 24.47 -34.76 -41.14
N ALA A 229 23.72 -35.25 -40.18
CA ALA A 229 23.41 -34.47 -38.99
C ALA A 229 24.70 -33.96 -38.38
N GLY A 230 24.71 -32.68 -38.04
CA GLY A 230 25.87 -32.06 -37.43
C GLY A 230 26.66 -31.21 -38.41
N PHE A 231 26.43 -31.40 -39.70
CA PHE A 231 27.18 -30.65 -40.70
C PHE A 231 26.34 -30.33 -41.94
N THR A 232 25.02 -30.27 -41.78
CA THR A 232 24.16 -29.78 -42.86
C THR A 232 24.36 -28.28 -42.97
N PRO A 233 24.07 -27.71 -44.15
CA PRO A 233 24.17 -26.25 -44.31
C PRO A 233 23.26 -25.50 -43.34
N GLN A 234 22.11 -26.07 -43.02
CA GLN A 234 21.13 -25.40 -42.16
C GLN A 234 21.61 -25.30 -40.71
N GLU A 235 22.20 -26.37 -40.21
CA GLU A 235 22.72 -26.38 -38.85
C GLU A 235 23.93 -25.46 -38.71
N ARG A 236 24.80 -25.49 -39.72
CA ARG A 236 26.00 -24.65 -39.71
C ARG A 236 25.61 -23.18 -39.75
N GLN A 237 24.66 -22.83 -40.60
CA GLN A 237 24.22 -21.45 -40.73
C GLN A 237 23.48 -21.02 -39.46
N GLY A 238 22.85 -21.98 -38.79
CA GLY A 238 22.20 -21.72 -37.53
C GLY A 238 23.23 -21.32 -36.48
N PHE A 239 24.34 -22.02 -36.46
CA PHE A 239 25.41 -21.74 -35.51
C PHE A 239 26.04 -20.39 -35.84
N GLY A 240 26.17 -20.09 -37.13
CA GLY A 240 26.71 -18.81 -37.57
C GLY A 240 25.83 -17.68 -37.10
N GLU A 241 24.52 -17.82 -37.30
CA GLU A 241 23.57 -16.79 -36.90
C GLU A 241 23.52 -16.63 -35.39
N LEU A 242 23.86 -17.70 -34.65
CA LEU A 242 23.90 -17.62 -33.20
C LEU A 242 25.08 -16.75 -32.74
N LEU A 243 26.24 -16.97 -33.34
CA LEU A 243 27.44 -16.21 -33.00
C LEU A 243 27.20 -14.72 -33.24
N GLN A 244 26.61 -14.39 -34.38
CA GLN A 244 26.40 -12.99 -34.75
C GLN A 244 25.28 -12.31 -33.96
N ALA A 245 24.13 -12.96 -33.86
CA ALA A 245 22.92 -12.32 -33.34
C ALA A 245 22.92 -12.07 -31.83
N VAL A 246 23.56 -12.95 -31.06
CA VAL A 246 23.46 -12.86 -29.60
C VAL A 246 24.07 -11.57 -29.03
N PRO A 247 25.36 -11.32 -29.28
CA PRO A 247 26.36 -12.08 -30.04
C PRO A 247 27.25 -12.92 -29.12
N LEU A 248 27.98 -13.86 -29.70
CA LEU A 248 28.89 -14.70 -28.92
C LEU A 248 30.16 -15.01 -29.71
N ALA A 249 31.23 -15.34 -28.99
CA ALA A 249 32.48 -15.73 -29.62
C ALA A 249 32.84 -17.18 -29.25
N ASP A 250 33.26 -17.94 -30.25
CA ASP A 250 33.69 -19.33 -30.07
C ASP A 250 35.07 -19.33 -29.42
N SER A 251 35.14 -19.65 -28.12
CA SER A 251 36.36 -19.47 -27.35
C SER A 251 37.57 -20.20 -27.93
N PHE A 252 37.40 -21.48 -28.26
CA PHE A 252 38.53 -22.29 -28.70
C PHE A 252 39.03 -21.82 -30.06
N ARG A 253 38.11 -21.46 -30.95
CA ARG A 253 38.50 -21.02 -32.28
C ARG A 253 38.97 -19.57 -32.27
N HIS A 254 38.58 -18.83 -31.24
CA HIS A 254 39.07 -17.47 -31.05
C HIS A 254 40.55 -17.50 -30.67
N LEU A 255 40.91 -18.45 -29.81
CA LEU A 255 42.30 -18.61 -29.39
C LEU A 255 43.14 -19.40 -30.41
N TYR A 256 42.49 -20.24 -31.21
CA TYR A 256 43.20 -21.10 -32.14
C TYR A 256 42.53 -21.13 -33.52
N PRO A 257 42.64 -20.01 -34.26
CA PRO A 257 41.90 -19.78 -35.51
C PRO A 257 42.26 -20.75 -36.63
N ASN A 258 43.48 -21.26 -36.64
CA ASN A 258 43.93 -22.11 -37.74
C ASN A 258 44.45 -23.48 -37.30
N THR A 259 44.07 -23.90 -36.10
CA THR A 259 44.50 -25.19 -35.57
C THR A 259 43.51 -26.30 -35.95
N PRO A 260 43.91 -27.20 -36.86
CA PRO A 260 43.01 -28.26 -37.33
C PRO A 260 43.10 -29.54 -36.51
N TYR A 261 42.19 -30.46 -36.78
CA TYR A 261 42.20 -31.80 -36.18
C TYR A 261 41.91 -31.77 -34.69
N ALA A 262 41.27 -30.70 -34.23
CA ALA A 262 40.87 -30.59 -32.84
C ALA A 262 39.40 -30.97 -32.73
N TYR A 263 39.13 -32.14 -32.19
CA TYR A 263 37.77 -32.67 -32.12
C TYR A 263 37.39 -33.03 -30.68
N THR A 264 36.10 -33.16 -30.44
CA THR A 264 35.58 -33.51 -29.12
C THR A 264 34.65 -34.72 -29.19
N PHE A 265 34.40 -35.22 -30.40
CA PHE A 265 33.55 -36.38 -30.56
C PHE A 265 34.12 -37.33 -31.60
N TRP A 266 34.07 -38.62 -31.30
CA TRP A 266 34.41 -39.66 -32.25
C TRP A 266 33.40 -40.78 -32.11
N THR A 267 32.85 -41.25 -33.22
CA THR A 267 31.89 -42.34 -33.18
C THR A 267 32.56 -43.58 -32.60
N TYR A 268 31.81 -44.33 -31.80
CA TYR A 268 32.32 -45.56 -31.21
C TYR A 268 32.68 -46.55 -32.31
N MET A 269 32.04 -46.43 -33.47
CA MET A 269 32.21 -47.38 -34.56
C MET A 269 33.52 -47.20 -35.30
N MET A 270 33.97 -48.28 -35.93
CA MET A 270 35.07 -48.23 -36.89
C MET A 270 36.34 -47.59 -36.33
N ASN A 271 36.55 -47.77 -35.03
CA ASN A 271 37.74 -47.27 -34.35
C ASN A 271 38.08 -45.83 -34.72
N ALA A 272 37.05 -45.00 -34.83
CA ALA A 272 37.21 -43.62 -35.26
C ALA A 272 38.17 -42.84 -34.36
N ARG A 273 38.11 -43.08 -33.06
CA ARG A 273 38.86 -42.26 -32.10
C ARG A 273 40.37 -42.45 -32.22
N SER A 274 40.82 -43.69 -32.31
CA SER A 274 42.24 -43.98 -32.42
C SER A 274 42.81 -43.43 -33.73
N LYS A 275 41.95 -43.20 -34.71
CA LYS A 275 42.37 -42.62 -35.99
C LYS A 275 42.02 -41.13 -36.07
N ASN A 276 41.65 -40.56 -34.93
CA ASN A 276 41.23 -39.16 -34.85
C ASN A 276 40.24 -38.71 -35.92
N VAL A 277 39.30 -39.60 -36.26
CA VAL A 277 38.23 -39.23 -37.17
C VAL A 277 37.08 -38.71 -36.33
N GLY A 278 37.09 -37.41 -36.07
CA GLY A 278 36.16 -36.82 -35.12
C GLY A 278 35.46 -35.57 -35.58
N TRP A 279 34.65 -35.03 -34.67
CA TRP A 279 33.92 -33.79 -34.90
C TRP A 279 34.14 -32.88 -33.70
N ARG A 280 34.14 -31.58 -33.92
CA ARG A 280 34.14 -30.64 -32.79
C ARG A 280 32.71 -30.19 -32.52
N LEU A 281 32.08 -30.83 -31.55
CA LEU A 281 30.65 -30.62 -31.28
C LEU A 281 30.41 -29.93 -29.96
N ASP A 282 31.47 -29.73 -29.19
CA ASP A 282 31.33 -29.23 -27.81
C ASP A 282 32.08 -27.92 -27.71
N TYR A 283 31.38 -26.90 -27.24
CA TYR A 283 31.89 -25.53 -27.29
C TYR A 283 31.77 -24.82 -25.96
N PHE A 284 32.58 -23.78 -25.79
CA PHE A 284 32.30 -22.71 -24.83
C PHE A 284 32.12 -21.45 -25.66
N LEU A 285 30.90 -20.95 -25.74
CA LEU A 285 30.63 -19.69 -26.42
C LEU A 285 30.53 -18.58 -25.39
N LEU A 286 31.23 -17.47 -25.64
CA LEU A 286 31.34 -16.39 -24.66
C LEU A 286 30.79 -15.08 -25.21
N SER A 287 30.21 -14.28 -24.33
CA SER A 287 29.89 -12.90 -24.67
C SER A 287 31.21 -12.18 -24.88
N HIS A 288 31.24 -11.28 -25.85
CA HIS A 288 32.48 -10.59 -26.21
C HIS A 288 33.07 -9.84 -25.04
N SER A 289 32.21 -9.35 -24.15
CA SER A 289 32.68 -8.61 -22.98
C SER A 289 33.54 -9.47 -22.06
N LEU A 290 33.55 -10.79 -22.29
CA LEU A 290 34.29 -11.72 -21.43
C LEU A 290 35.65 -12.10 -22.00
N LEU A 291 35.93 -11.69 -23.23
CA LEU A 291 37.15 -12.10 -23.90
C LEU A 291 38.40 -11.54 -23.23
N PRO A 292 38.30 -10.35 -22.60
CA PRO A 292 39.45 -9.89 -21.82
C PRO A 292 39.70 -10.75 -20.59
N ALA A 293 38.74 -11.61 -20.24
CA ALA A 293 38.89 -12.51 -19.11
C ALA A 293 39.33 -13.92 -19.52
N LEU A 294 39.27 -14.22 -20.81
CA LEU A 294 39.58 -15.57 -21.30
C LEU A 294 41.08 -15.86 -21.21
N CYS A 295 41.42 -16.97 -20.57
CA CYS A 295 42.80 -17.42 -20.47
C CYS A 295 43.08 -18.56 -21.45
N ASP A 296 42.22 -19.58 -21.44
CA ASP A 296 42.38 -20.69 -22.35
C ASP A 296 41.10 -21.52 -22.46
N SER A 297 40.91 -22.13 -23.63
CA SER A 297 39.80 -23.05 -23.87
C SER A 297 40.39 -24.37 -24.34
N LYS A 298 40.21 -25.42 -23.55
CA LYS A 298 40.93 -26.66 -23.75
C LYS A 298 40.05 -27.81 -24.23
N ILE A 299 40.72 -28.84 -24.74
CA ILE A 299 40.08 -30.05 -25.21
C ILE A 299 40.84 -31.23 -24.62
N ARG A 300 40.21 -31.94 -23.69
CA ARG A 300 40.86 -33.02 -22.98
C ARG A 300 40.78 -34.32 -23.77
N SER A 301 41.47 -34.35 -24.90
CA SER A 301 41.39 -35.44 -25.86
C SER A 301 41.57 -36.83 -25.26
N LYS A 302 42.42 -36.96 -24.24
CA LYS A 302 42.83 -38.27 -23.73
C LYS A 302 41.89 -38.84 -22.66
N ALA A 303 40.95 -38.03 -22.18
CA ALA A 303 40.00 -38.51 -21.18
C ALA A 303 38.97 -39.43 -21.82
N LEU A 304 38.82 -40.61 -21.23
CA LEU A 304 37.90 -41.62 -21.75
C LEU A 304 36.64 -41.72 -20.89
N GLY A 305 35.68 -42.53 -21.34
CA GLY A 305 34.44 -42.74 -20.61
C GLY A 305 33.20 -42.49 -21.45
N SER A 306 33.39 -41.96 -22.66
CA SER A 306 32.28 -41.56 -23.50
C SER A 306 32.75 -41.47 -24.94
N ASP A 307 31.85 -41.19 -25.87
CA ASP A 307 32.26 -40.94 -27.25
C ASP A 307 32.63 -39.47 -27.43
N HIS A 308 32.30 -38.65 -26.43
CA HIS A 308 32.82 -37.29 -26.36
C HIS A 308 33.93 -37.21 -25.33
N CYS A 309 34.80 -36.21 -25.47
CA CYS A 309 35.78 -35.91 -24.43
C CYS A 309 35.40 -34.62 -23.73
N PRO A 310 35.97 -34.36 -22.55
CA PRO A 310 35.64 -33.11 -21.85
C PRO A 310 36.33 -31.91 -22.49
N ILE A 311 35.74 -30.74 -22.30
CA ILE A 311 36.39 -29.48 -22.64
C ILE A 311 36.46 -28.63 -21.36
N THR A 312 37.44 -27.73 -21.30
CA THR A 312 37.67 -26.97 -20.08
C THR A 312 37.97 -25.49 -20.36
N LEU A 313 37.31 -24.60 -19.63
CA LEU A 313 37.45 -23.16 -19.83
C LEU A 313 38.12 -22.54 -18.60
N TYR A 314 39.07 -21.65 -18.85
CA TYR A 314 39.71 -20.90 -17.79
C TYR A 314 39.36 -19.42 -17.94
N LEU A 315 38.81 -18.84 -16.88
CA LEU A 315 38.48 -17.41 -16.88
C LEU A 315 39.09 -16.70 -15.69
N ALA A 316 39.62 -15.51 -15.94
CA ALA A 316 40.14 -14.64 -14.89
C ALA A 316 39.09 -13.59 -14.52
N LEU A 317 38.40 -13.83 -13.42
CA LEU A 317 37.36 -12.91 -12.96
C LEU A 317 37.72 -12.28 -11.61
N LEU E 43 3.77 -16.63 27.12
CA LEU E 43 3.91 -16.81 25.68
C LEU E 43 4.50 -18.19 25.38
N TYR E 44 5.25 -18.28 24.28
CA TYR E 44 5.80 -19.57 23.83
C TYR E 44 7.24 -19.42 23.37
N GLU E 45 8.01 -20.51 23.49
CA GLU E 45 9.38 -20.55 22.98
C GLU E 45 9.73 -21.91 22.41
N ASP E 46 9.70 -22.01 21.08
CA ASP E 46 10.06 -23.23 20.37
C ASP E 46 11.39 -23.76 20.91
N PRO E 47 11.44 -25.05 21.30
CA PRO E 47 12.71 -25.60 21.80
C PRO E 47 13.72 -25.81 20.67
N PRO E 48 15.02 -25.93 21.01
CA PRO E 48 16.05 -26.11 19.99
C PRO E 48 15.86 -27.40 19.21
N ASP E 49 16.27 -27.37 17.95
CA ASP E 49 16.00 -28.46 17.01
C ASP E 49 16.71 -29.75 17.40
N GLN E 50 15.95 -30.79 17.72
CA GLN E 50 16.54 -32.11 17.88
C GLN E 50 16.66 -32.78 16.50
N LYS E 51 17.81 -32.63 15.85
CA LYS E 51 18.03 -33.13 14.49
C LYS E 51 18.33 -34.63 14.44
N THR E 52 18.11 -35.32 15.55
CA THR E 52 18.26 -36.78 15.60
C THR E 52 17.03 -37.49 16.16
N SER E 53 16.75 -38.66 15.61
CA SER E 53 15.52 -39.42 15.85
C SER E 53 15.58 -40.21 17.16
N PRO E 54 14.63 -41.14 17.38
CA PRO E 54 14.78 -41.97 18.59
C PRO E 54 15.94 -42.96 18.43
N SER E 55 16.02 -43.58 17.26
CA SER E 55 17.05 -44.57 16.95
C SER E 55 18.44 -43.95 16.81
N GLY E 56 18.53 -42.65 17.05
CA GLY E 56 19.82 -41.99 17.15
C GLY E 56 20.46 -41.61 15.83
N LYS E 57 19.77 -41.86 14.71
CA LYS E 57 20.31 -41.52 13.41
C LYS E 57 19.75 -40.18 12.92
N PRO E 58 20.59 -39.38 12.24
CA PRO E 58 20.39 -37.94 12.09
C PRO E 58 19.46 -37.52 10.95
N ALA E 59 18.89 -36.32 11.10
CA ALA E 59 17.95 -35.77 10.14
C ALA E 59 18.56 -35.68 8.75
N THR E 60 17.91 -36.33 7.78
CA THR E 60 18.37 -36.34 6.40
C THR E 60 17.41 -35.56 5.49
N LEU E 61 16.44 -34.88 6.08
CA LEU E 61 15.37 -34.27 5.31
C LEU E 61 14.65 -33.22 6.14
N LYS E 62 14.71 -31.96 5.68
CA LYS E 62 14.09 -30.86 6.40
C LYS E 62 12.94 -30.28 5.59
N ILE E 63 11.79 -30.15 6.23
CA ILE E 63 10.54 -29.75 5.57
C ILE E 63 9.98 -28.48 6.20
N CYS E 64 9.78 -27.44 5.38
CA CYS E 64 9.15 -26.22 5.87
C CYS E 64 7.81 -25.96 5.21
N SER E 65 6.86 -25.44 5.98
CA SER E 65 5.54 -25.12 5.48
C SER E 65 5.13 -23.75 5.97
N TRP E 66 4.47 -22.98 5.11
CA TRP E 66 4.15 -21.60 5.44
C TRP E 66 2.96 -21.08 4.63
N ASN E 67 1.90 -20.69 5.34
CA ASN E 67 0.80 -19.96 4.72
C ASN E 67 1.22 -18.50 4.61
N VAL E 68 1.41 -18.04 3.37
CA VAL E 68 2.10 -16.78 3.14
C VAL E 68 1.18 -15.59 2.89
N ASP E 69 -0.13 -15.83 2.91
CA ASP E 69 -1.11 -14.76 2.73
C ASP E 69 -0.76 -13.90 1.53
N GLY E 70 -0.55 -14.55 0.39
CA GLY E 70 -0.23 -13.85 -0.84
C GLY E 70 1.24 -13.95 -1.16
N LEU E 71 1.58 -14.71 -2.20
CA LEU E 71 2.97 -14.97 -2.56
C LEU E 71 3.72 -13.69 -2.90
N ARG E 72 3.15 -12.90 -3.80
CA ARG E 72 3.76 -11.65 -4.24
CA ARG E 72 3.79 -11.67 -4.24
C ARG E 72 4.09 -10.75 -3.06
N ALA E 73 3.07 -10.42 -2.28
CA ALA E 73 3.25 -9.56 -1.12
C ALA E 73 4.32 -10.11 -0.18
N TRP E 74 4.21 -11.40 0.10
CA TRP E 74 5.13 -12.06 1.04
C TRP E 74 6.57 -11.99 0.56
N ILE E 75 6.77 -11.92 -0.75
CA ILE E 75 8.11 -11.82 -1.32
C ILE E 75 8.69 -10.42 -1.08
N LYS E 76 7.86 -9.41 -1.24
CA LYS E 76 8.28 -8.03 -0.98
C LYS E 76 8.51 -7.82 0.51
N LYS E 77 7.90 -8.66 1.34
CA LYS E 77 8.15 -8.63 2.78
C LYS E 77 9.35 -9.51 3.11
N LYS E 78 10.06 -9.97 2.07
CA LYS E 78 11.34 -10.64 2.21
C LYS E 78 11.23 -12.09 2.70
N GLY E 79 10.10 -12.72 2.42
CA GLY E 79 9.90 -14.11 2.79
C GLY E 79 10.99 -15.03 2.26
N LEU E 80 11.48 -14.76 1.05
CA LEU E 80 12.49 -15.61 0.43
C LEU E 80 13.81 -15.60 1.18
N ASP E 81 14.15 -14.45 1.78
CA ASP E 81 15.40 -14.31 2.52
C ASP E 81 15.36 -15.15 3.79
N TRP E 82 14.19 -15.26 4.39
CA TRP E 82 14.01 -16.13 5.55
C TRP E 82 14.18 -17.59 5.14
N VAL E 83 13.61 -17.93 3.97
CA VAL E 83 13.65 -19.30 3.46
C VAL E 83 15.07 -19.72 3.11
N LYS E 84 15.83 -18.79 2.52
CA LYS E 84 17.23 -19.05 2.19
C LYS E 84 18.00 -19.38 3.45
N GLU E 85 17.70 -18.69 4.54
CA GLU E 85 18.38 -18.91 5.81
C GLU E 85 17.96 -20.22 6.48
N GLU E 86 16.71 -20.63 6.26
CA GLU E 86 16.20 -21.87 6.85
C GLU E 86 16.68 -23.07 6.04
N ALA E 87 16.92 -22.86 4.75
CA ALA E 87 17.41 -23.91 3.85
C ALA E 87 16.78 -25.27 4.09
N PRO E 88 15.47 -25.39 3.83
CA PRO E 88 14.78 -26.70 3.81
C PRO E 88 15.08 -27.48 2.53
N ASP E 89 14.83 -28.80 2.55
CA ASP E 89 14.94 -29.63 1.36
C ASP E 89 13.67 -29.54 0.52
N ILE E 90 12.55 -29.24 1.19
CA ILE E 90 11.29 -29.01 0.51
C ILE E 90 10.52 -27.93 1.24
N LEU E 91 9.87 -27.05 0.47
CA LEU E 91 9.08 -25.96 1.01
C LEU E 91 7.70 -26.00 0.39
N CYS E 92 6.68 -25.88 1.24
CA CYS E 92 5.29 -25.96 0.77
C CYS E 92 4.53 -24.71 1.22
N LEU E 93 3.96 -24.01 0.25
CA LEU E 93 3.32 -22.72 0.49
C LEU E 93 1.81 -22.77 0.32
N GLN E 94 1.09 -22.06 1.18
CA GLN E 94 -0.37 -21.97 1.11
C GLN E 94 -0.82 -20.52 0.91
N GLU E 95 -2.01 -20.35 0.36
CA GLU E 95 -2.52 -19.02 0.04
C GLU E 95 -1.51 -18.23 -0.78
N THR E 96 -1.11 -18.78 -1.93
CA THR E 96 -0.19 -18.10 -2.81
C THR E 96 -0.93 -16.98 -3.54
N LYS E 97 -2.23 -17.15 -3.72
CA LYS E 97 -3.07 -16.18 -4.40
C LYS E 97 -2.36 -15.61 -5.60
N CYS E 98 -1.97 -16.51 -6.50
CA CYS E 98 -1.16 -16.14 -7.65
C CYS E 98 -1.34 -17.18 -8.75
N SER E 99 -1.42 -16.71 -10.00
CA SER E 99 -1.53 -17.60 -11.15
C SER E 99 -0.14 -17.94 -11.68
N GLU E 100 -0.02 -19.12 -12.30
CA GLU E 100 1.26 -19.53 -12.87
C GLU E 100 1.75 -18.54 -13.91
N ASN E 101 0.83 -17.78 -14.48
CA ASN E 101 1.16 -16.79 -15.49
C ASN E 101 1.90 -15.59 -14.90
N LYS E 102 1.83 -15.45 -13.58
CA LYS E 102 2.35 -14.26 -12.89
C LYS E 102 3.27 -14.59 -11.71
N LEU E 103 3.66 -15.86 -11.57
CA LEU E 103 4.65 -16.25 -10.57
C LEU E 103 5.93 -15.45 -10.77
N PRO E 104 6.36 -14.70 -9.74
CA PRO E 104 7.57 -13.87 -9.88
C PRO E 104 8.80 -14.70 -10.22
N ALA E 105 9.71 -14.11 -11.00
CA ALA E 105 10.95 -14.78 -11.36
C ALA E 105 11.90 -14.86 -10.16
N GLU E 106 11.57 -14.13 -9.10
CA GLU E 106 12.37 -14.16 -7.88
C GLU E 106 12.39 -15.54 -7.25
N LEU E 107 11.37 -16.35 -7.56
CA LEU E 107 11.29 -17.71 -7.02
C LEU E 107 12.48 -18.55 -7.45
N GLN E 108 13.11 -18.17 -8.55
CA GLN E 108 14.28 -18.89 -9.05
C GLN E 108 15.55 -18.54 -8.28
N GLU E 109 15.42 -17.61 -7.33
CA GLU E 109 16.54 -17.24 -6.47
C GLU E 109 16.66 -18.20 -5.28
N LEU E 110 15.88 -19.27 -5.31
CA LEU E 110 16.02 -20.34 -4.32
C LEU E 110 16.63 -21.56 -5.00
N PRO E 111 17.93 -21.50 -5.31
CA PRO E 111 18.68 -22.57 -6.00
C PRO E 111 18.41 -23.97 -5.46
N GLY E 112 18.50 -24.12 -4.14
CA GLY E 112 18.34 -25.41 -3.50
C GLY E 112 16.90 -25.89 -3.40
N LEU E 113 16.01 -25.24 -4.14
CA LEU E 113 14.62 -25.66 -4.23
C LEU E 113 14.18 -25.46 -5.67
N SER E 114 14.97 -26.00 -6.59
CA SER E 114 14.85 -25.70 -8.01
C SER E 114 13.55 -26.19 -8.66
N HIS E 115 13.08 -27.36 -8.26
CA HIS E 115 11.91 -27.96 -8.87
C HIS E 115 10.64 -27.57 -8.10
N GLN E 116 9.87 -26.67 -8.69
CA GLN E 116 8.74 -26.05 -8.02
C GLN E 116 7.45 -26.37 -8.77
N TYR E 117 6.37 -26.52 -8.03
CA TYR E 117 5.10 -26.91 -8.61
C TYR E 117 3.94 -26.14 -7.99
N TRP E 118 3.14 -25.53 -8.85
CA TRP E 118 2.12 -24.59 -8.41
C TRP E 118 0.74 -24.98 -8.90
N SER E 119 -0.26 -24.70 -8.07
CA SER E 119 -1.65 -24.97 -8.42
C SER E 119 -2.54 -23.80 -8.02
N ALA E 120 -3.18 -23.19 -9.01
CA ALA E 120 -4.06 -22.05 -8.77
C ALA E 120 -5.50 -22.44 -9.12
N PRO E 121 -6.48 -21.68 -8.61
CA PRO E 121 -7.89 -21.98 -8.89
C PRO E 121 -8.22 -21.83 -10.38
N SER E 122 -9.28 -22.49 -10.81
CA SER E 122 -9.66 -22.50 -12.22
C SER E 122 -10.18 -21.15 -12.69
N ASP E 123 -11.10 -20.56 -11.93
CA ASP E 123 -11.70 -19.29 -12.30
C ASP E 123 -11.39 -18.18 -11.30
N LYS E 124 -11.40 -18.51 -10.01
CA LYS E 124 -11.17 -17.53 -8.97
C LYS E 124 -9.70 -17.10 -8.87
N GLU E 125 -9.40 -15.92 -9.42
CA GLU E 125 -8.04 -15.38 -9.38
C GLU E 125 -7.77 -14.68 -8.06
N GLY E 126 -6.52 -14.77 -7.61
CA GLY E 126 -6.11 -14.12 -6.38
C GLY E 126 -6.75 -14.77 -5.16
N TYR E 127 -7.05 -16.05 -5.27
CA TYR E 127 -7.74 -16.79 -4.22
C TYR E 127 -7.06 -18.12 -4.00
N SER E 128 -6.90 -18.50 -2.74
CA SER E 128 -6.33 -19.80 -2.42
C SER E 128 -4.93 -19.94 -3.04
N GLY E 129 -4.63 -21.09 -3.63
CA GLY E 129 -3.36 -21.29 -4.29
C GLY E 129 -2.37 -21.98 -3.38
N VAL E 130 -1.68 -22.97 -3.92
CA VAL E 130 -0.70 -23.71 -3.15
C VAL E 130 0.51 -23.99 -4.02
N GLY E 131 1.66 -24.20 -3.38
CA GLY E 131 2.89 -24.44 -4.10
C GLY E 131 3.78 -25.44 -3.38
N LEU E 132 4.66 -26.09 -4.14
CA LEU E 132 5.58 -27.06 -3.55
C LEU E 132 6.95 -26.97 -4.23
N LEU E 133 7.96 -26.63 -3.44
CA LEU E 133 9.30 -26.43 -3.95
C LEU E 133 10.25 -27.45 -3.33
N SER E 134 11.03 -28.15 -4.17
CA SER E 134 11.95 -29.15 -3.64
C SER E 134 13.30 -29.19 -4.36
N ARG E 135 14.32 -29.61 -3.62
CA ARG E 135 15.67 -29.79 -4.14
C ARG E 135 15.70 -30.93 -5.14
N GLN E 136 15.28 -32.12 -4.69
CA GLN E 136 15.14 -33.26 -5.58
C GLN E 136 13.95 -33.04 -6.53
N CYS E 137 14.01 -33.64 -7.70
CA CYS E 137 12.88 -33.65 -8.61
C CYS E 137 12.04 -34.88 -8.30
N PRO E 138 10.77 -34.68 -7.91
CA PRO E 138 9.93 -35.80 -7.48
C PRO E 138 9.70 -36.81 -8.61
N LEU E 139 9.42 -38.05 -8.24
CA LEU E 139 9.15 -39.12 -9.20
C LEU E 139 7.87 -38.80 -9.97
N LYS E 140 6.95 -38.12 -9.30
CA LYS E 140 5.62 -37.89 -9.84
C LYS E 140 4.92 -36.76 -9.11
N VAL E 141 4.37 -35.82 -9.86
CA VAL E 141 3.57 -34.74 -9.30
C VAL E 141 2.19 -34.71 -9.91
N SER E 142 1.18 -34.53 -9.06
CA SER E 142 -0.20 -34.45 -9.48
C SER E 142 -0.87 -33.28 -8.76
N TYR E 143 -2.08 -32.94 -9.17
CA TYR E 143 -2.78 -31.79 -8.61
C TYR E 143 -4.19 -32.16 -8.17
N GLY E 144 -4.54 -31.75 -6.96
CA GLY E 144 -5.88 -31.91 -6.45
C GLY E 144 -6.16 -33.33 -5.96
N ILE E 145 -7.27 -33.45 -5.24
CA ILE E 145 -7.86 -34.75 -4.93
C ILE E 145 -8.37 -35.27 -6.28
N GLY E 146 -8.93 -36.47 -6.32
CA GLY E 146 -9.49 -36.96 -7.57
C GLY E 146 -10.99 -36.75 -7.65
N ASP E 147 -11.43 -35.55 -7.32
CA ASP E 147 -12.85 -35.23 -7.23
C ASP E 147 -13.10 -33.81 -7.75
N GLU E 148 -13.76 -33.72 -8.90
CA GLU E 148 -13.87 -32.47 -9.65
C GLU E 148 -14.54 -31.36 -8.83
N GLU E 149 -15.41 -31.77 -7.92
CA GLU E 149 -16.12 -30.84 -7.03
C GLU E 149 -15.14 -30.06 -6.15
N HIS E 150 -13.97 -30.64 -5.91
CA HIS E 150 -13.03 -30.09 -4.94
C HIS E 150 -11.68 -29.66 -5.54
N ASP E 151 -11.52 -29.81 -6.86
CA ASP E 151 -10.24 -29.52 -7.50
C ASP E 151 -10.29 -28.26 -8.36
N GLN E 152 -11.15 -27.32 -7.99
CA GLN E 152 -11.32 -26.11 -8.78
C GLN E 152 -10.72 -24.88 -8.09
N GLU E 153 -10.16 -25.07 -6.90
CA GLU E 153 -9.68 -23.95 -6.09
C GLU E 153 -8.20 -24.07 -5.72
N GLY E 154 -7.44 -24.83 -6.51
CA GLY E 154 -6.00 -24.92 -6.32
C GLY E 154 -5.61 -25.04 -4.86
N ARG E 155 -5.98 -26.15 -4.23
CA ARG E 155 -5.76 -26.33 -2.81
C ARG E 155 -4.81 -27.47 -2.43
N VAL E 156 -4.51 -28.34 -3.39
CA VAL E 156 -3.68 -29.51 -3.11
C VAL E 156 -2.69 -29.83 -4.22
N ILE E 157 -1.46 -30.12 -3.80
CA ILE E 157 -0.44 -30.65 -4.68
C ILE E 157 0.09 -31.94 -4.06
N VAL E 158 0.29 -32.95 -4.89
CA VAL E 158 0.81 -34.23 -4.40
C VAL E 158 2.17 -34.52 -5.05
N ALA E 159 3.12 -34.94 -4.22
CA ALA E 159 4.49 -35.16 -4.69
C ALA E 159 4.98 -36.51 -4.21
N GLU E 160 5.21 -37.42 -5.16
CA GLU E 160 5.73 -38.73 -4.85
C GLU E 160 7.25 -38.75 -4.92
N PHE E 161 7.89 -39.26 -3.88
CA PHE E 161 9.33 -39.47 -3.88
C PHE E 161 9.64 -40.96 -3.70
N ASP E 162 10.83 -41.28 -3.23
CA ASP E 162 11.28 -42.67 -3.15
C ASP E 162 10.55 -43.44 -2.04
N SER E 163 10.71 -42.97 -0.81
CA SER E 163 10.21 -43.69 0.36
C SER E 163 8.91 -43.13 0.90
N PHE E 164 8.44 -42.02 0.34
CA PHE E 164 7.25 -41.35 0.87
C PHE E 164 6.50 -40.58 -0.21
N VAL E 165 5.37 -40.02 0.21
CA VAL E 165 4.53 -39.21 -0.66
C VAL E 165 4.11 -37.95 0.09
N LEU E 166 4.51 -36.80 -0.43
CA LEU E 166 4.17 -35.52 0.19
C LEU E 166 2.90 -34.95 -0.40
N VAL E 167 1.99 -34.53 0.47
CA VAL E 167 0.84 -33.74 0.06
C VAL E 167 0.81 -32.47 0.88
N THR E 168 0.74 -31.33 0.20
CA THR E 168 0.52 -30.07 0.88
C THR E 168 -0.89 -29.61 0.51
N ALA E 169 -1.61 -29.07 1.49
CA ALA E 169 -3.00 -28.70 1.27
C ALA E 169 -3.39 -27.42 2.02
N TYR E 170 -4.13 -26.56 1.34
CA TYR E 170 -4.75 -25.41 1.99
C TYR E 170 -6.25 -25.67 2.09
N VAL E 171 -6.71 -25.99 3.29
CA VAL E 171 -8.08 -26.47 3.47
C VAL E 171 -9.09 -25.33 3.52
N PRO E 172 -10.22 -25.49 2.81
CA PRO E 172 -11.29 -24.49 2.75
C PRO E 172 -11.78 -23.98 4.10
N ASN E 173 -11.86 -22.67 4.25
N ASN E 173 -11.82 -22.67 4.26
CA ASN E 173 -12.33 -22.05 5.48
CA ASN E 173 -12.37 -22.05 5.46
C ASN E 173 -13.86 -22.04 5.54
C ASN E 173 -13.86 -22.25 5.50
N ALA E 174 -14.40 -22.34 6.71
CA ALA E 174 -15.85 -22.42 6.89
C ALA E 174 -16.46 -21.02 6.91
N GLY E 175 -15.59 -20.01 6.89
CA GLY E 175 -16.02 -18.63 6.73
C GLY E 175 -16.62 -18.01 7.98
N ARG E 176 -16.57 -16.69 8.04
CA ARG E 176 -17.29 -15.93 9.06
C ARG E 176 -18.78 -16.22 8.88
N GLY E 177 -19.46 -16.52 9.98
CA GLY E 177 -20.86 -16.88 9.91
C GLY E 177 -21.07 -18.34 9.52
N LEU E 178 -19.97 -19.09 9.42
CA LEU E 178 -20.04 -20.51 9.08
C LEU E 178 -20.79 -20.75 7.78
N VAL E 179 -20.73 -19.79 6.87
CA VAL E 179 -21.51 -19.84 5.64
C VAL E 179 -21.08 -21.01 4.76
N ARG E 180 -19.81 -21.39 4.84
CA ARG E 180 -19.28 -22.44 4.00
C ARG E 180 -19.02 -23.73 4.78
N LEU E 181 -19.60 -23.82 5.97
CA LEU E 181 -19.37 -24.95 6.85
C LEU E 181 -19.86 -26.25 6.23
N GLU E 182 -21.01 -26.20 5.58
CA GLU E 182 -21.59 -27.40 4.97
C GLU E 182 -20.65 -27.96 3.90
N TYR E 183 -20.13 -27.08 3.05
CA TYR E 183 -19.20 -27.51 2.01
C TYR E 183 -17.92 -28.06 2.64
N ARG E 184 -17.52 -27.44 3.74
CA ARG E 184 -16.31 -27.84 4.44
C ARG E 184 -16.31 -29.32 4.79
N GLN E 185 -17.45 -29.79 5.28
CA GLN E 185 -17.57 -31.17 5.73
C GLN E 185 -17.52 -32.14 4.56
N ARG E 186 -18.07 -31.73 3.42
CA ARG E 186 -17.98 -32.53 2.19
C ARG E 186 -16.52 -32.66 1.77
N TRP E 187 -15.76 -31.58 1.91
CA TRP E 187 -14.33 -31.60 1.63
C TRP E 187 -13.59 -32.50 2.63
N ASP E 188 -13.89 -32.32 3.91
CA ASP E 188 -13.26 -33.12 4.98
C ASP E 188 -13.37 -34.61 4.68
N GLU E 189 -14.48 -35.00 4.06
CA GLU E 189 -14.75 -36.41 3.82
C GLU E 189 -14.02 -36.91 2.58
N ALA E 190 -14.06 -36.13 1.51
CA ALA E 190 -13.45 -36.52 0.23
C ALA E 190 -11.93 -36.34 0.27
N PHE E 191 -11.45 -35.58 1.25
CA PHE E 191 -10.02 -35.40 1.45
C PHE E 191 -9.47 -36.63 2.19
N ARG E 192 -10.18 -37.04 3.23
CA ARG E 192 -9.80 -38.20 4.03
C ARG E 192 -9.81 -39.48 3.20
N LYS E 193 -10.82 -39.62 2.34
CA LYS E 193 -10.92 -40.79 1.48
C LYS E 193 -9.77 -40.85 0.48
N PHE E 194 -9.30 -39.68 0.06
CA PHE E 194 -8.19 -39.59 -0.89
C PHE E 194 -6.87 -39.88 -0.20
N LEU E 195 -6.69 -39.32 0.99
CA LEU E 195 -5.47 -39.50 1.76
C LEU E 195 -5.30 -40.94 2.18
N LYS E 196 -6.41 -41.60 2.53
CA LYS E 196 -6.40 -43.00 2.90
C LYS E 196 -5.96 -43.86 1.72
N GLY E 197 -6.40 -43.49 0.51
CA GLY E 197 -6.01 -44.20 -0.69
C GLY E 197 -4.52 -44.14 -0.96
N LEU E 198 -3.92 -42.97 -0.77
CA LEU E 198 -2.49 -42.79 -0.96
C LEU E 198 -1.69 -43.54 0.09
N ALA E 199 -2.07 -43.36 1.35
CA ALA E 199 -1.36 -43.99 2.47
C ALA E 199 -1.48 -45.52 2.44
N SER E 200 -2.19 -46.05 1.44
CA SER E 200 -2.31 -47.48 1.27
C SER E 200 -1.17 -48.06 0.43
N ARG E 201 -0.57 -47.21 -0.40
CA ARG E 201 0.48 -47.66 -1.31
C ARG E 201 1.86 -47.11 -0.97
N LYS E 202 1.90 -45.98 -0.26
CA LYS E 202 3.18 -45.39 0.14
C LYS E 202 3.02 -44.57 1.41
N PRO E 203 4.08 -44.53 2.24
CA PRO E 203 4.01 -43.77 3.49
C PRO E 203 3.79 -42.28 3.19
N LEU E 204 2.96 -41.61 3.98
CA LEU E 204 2.39 -40.33 3.58
C LEU E 204 2.70 -39.21 4.56
N VAL E 205 3.14 -38.08 4.01
CA VAL E 205 3.38 -36.87 4.78
C VAL E 205 2.49 -35.73 4.28
N LEU E 206 1.58 -35.29 5.13
CA LEU E 206 0.67 -34.20 4.80
C LEU E 206 1.03 -32.94 5.59
N CYS E 207 1.26 -31.84 4.86
CA CYS E 207 1.58 -30.57 5.50
C CYS E 207 0.63 -29.47 5.02
N GLY E 208 0.58 -28.39 5.77
CA GLY E 208 -0.12 -27.19 5.33
C GLY E 208 -1.10 -26.66 6.34
N ASP E 209 -1.90 -25.68 5.91
CA ASP E 209 -2.94 -25.10 6.74
C ASP E 209 -4.19 -25.97 6.64
N LEU E 210 -4.44 -26.76 7.68
CA LEU E 210 -5.59 -27.64 7.70
C LEU E 210 -6.80 -26.90 8.27
N ASN E 211 -6.54 -25.69 8.76
CA ASN E 211 -7.60 -24.76 9.15
C ASN E 211 -8.49 -25.26 10.30
N VAL E 212 -7.90 -26.01 11.22
CA VAL E 212 -8.60 -26.46 12.42
C VAL E 212 -7.64 -26.51 13.61
N ALA E 213 -8.04 -25.89 14.71
CA ALA E 213 -7.40 -26.14 15.99
C ALA E 213 -8.06 -27.39 16.57
N HIS E 214 -7.39 -28.53 16.44
CA HIS E 214 -8.01 -29.82 16.75
C HIS E 214 -8.57 -29.88 18.17
N GLU E 215 -7.76 -29.46 19.15
CA GLU E 215 -8.15 -29.55 20.55
C GLU E 215 -8.07 -28.20 21.26
N GLU E 216 -8.51 -28.19 22.52
CA GLU E 216 -8.58 -26.96 23.30
C GLU E 216 -7.21 -26.27 23.41
N ILE E 217 -6.18 -27.06 23.65
CA ILE E 217 -4.80 -26.57 23.74
C ILE E 217 -4.38 -25.82 22.47
N ASP E 218 -4.92 -26.25 21.33
CA ASP E 218 -4.49 -25.75 20.04
C ASP E 218 -5.00 -24.34 19.70
N LEU E 219 -5.47 -23.61 20.71
CA LEU E 219 -5.77 -22.20 20.55
C LEU E 219 -5.90 -21.56 21.92
N ARG E 220 -5.90 -20.22 21.96
CA ARG E 220 -5.86 -19.50 23.21
C ARG E 220 -7.24 -19.41 23.86
N ASN E 221 -8.24 -19.03 23.08
CA ASN E 221 -9.59 -18.84 23.61
C ASN E 221 -10.61 -19.82 23.02
N PRO E 222 -10.51 -21.11 23.40
CA PRO E 222 -11.38 -22.19 22.93
C PRO E 222 -12.88 -21.94 23.14
N LYS E 223 -13.26 -21.42 24.31
CA LYS E 223 -14.68 -21.21 24.62
C LYS E 223 -15.32 -20.18 23.71
N GLY E 224 -14.62 -19.07 23.48
CA GLY E 224 -15.15 -17.99 22.68
C GLY E 224 -15.37 -18.36 21.22
N ASN E 225 -14.71 -19.42 20.75
CA ASN E 225 -14.78 -19.80 19.35
C ASN E 225 -15.28 -21.22 19.09
N LYS E 226 -16.17 -21.71 19.94
CA LYS E 226 -16.81 -23.00 19.69
C LYS E 226 -17.83 -22.89 18.57
N LYS E 227 -18.06 -21.66 18.14
CA LYS E 227 -19.00 -21.33 17.07
C LYS E 227 -18.26 -20.75 15.87
N ASN E 228 -16.99 -20.42 16.05
CA ASN E 228 -16.22 -19.75 15.03
C ASN E 228 -15.51 -20.75 14.11
N ALA E 229 -15.37 -20.38 12.84
CA ALA E 229 -14.63 -21.21 11.88
C ALA E 229 -13.29 -21.63 12.46
N GLY E 230 -12.91 -22.88 12.18
CA GLY E 230 -11.64 -23.41 12.67
C GLY E 230 -11.78 -24.21 13.96
N PHE E 231 -12.82 -23.93 14.74
CA PHE E 231 -13.00 -24.59 16.03
C PHE E 231 -14.46 -24.97 16.28
N THR E 232 -15.18 -25.34 15.23
CA THR E 232 -16.55 -25.82 15.39
C THR E 232 -16.53 -27.33 15.56
N PRO E 233 -17.31 -27.84 16.53
CA PRO E 233 -17.43 -29.28 16.79
C PRO E 233 -17.27 -30.15 15.55
N GLN E 234 -17.84 -29.70 14.44
CA GLN E 234 -17.85 -30.49 13.21
C GLN E 234 -16.47 -30.55 12.55
N GLU E 235 -15.74 -29.44 12.59
CA GLU E 235 -14.41 -29.38 12.00
C GLU E 235 -13.41 -30.17 12.84
N ARG E 236 -13.51 -30.02 14.16
CA ARG E 236 -12.65 -30.75 15.08
C ARG E 236 -12.78 -32.26 14.88
N GLN E 237 -14.02 -32.74 14.89
CA GLN E 237 -14.28 -34.17 14.69
C GLN E 237 -13.86 -34.59 13.29
N GLY E 238 -13.96 -33.69 12.33
CA GLY E 238 -13.51 -33.95 10.98
C GLY E 238 -12.02 -34.20 10.93
N PHE E 239 -11.29 -33.58 11.85
CA PHE E 239 -9.85 -33.81 11.97
C PHE E 239 -9.58 -35.07 12.77
N GLY E 240 -10.18 -35.15 13.95
CA GLY E 240 -10.06 -36.34 14.77
C GLY E 240 -10.30 -37.59 13.96
N GLU E 241 -11.23 -37.50 13.00
CA GLU E 241 -11.62 -38.65 12.20
C GLU E 241 -10.88 -38.72 10.85
N LEU E 242 -9.81 -37.93 10.73
CA LEU E 242 -8.82 -38.14 9.69
C LEU E 242 -7.60 -38.84 10.31
N LEU E 243 -7.28 -38.44 11.54
CA LEU E 243 -6.20 -39.06 12.30
C LEU E 243 -6.41 -40.56 12.43
N GLN E 244 -7.64 -40.95 12.72
CA GLN E 244 -7.96 -42.33 13.10
C GLN E 244 -8.48 -43.17 11.94
N ALA E 245 -8.46 -42.63 10.73
CA ALA E 245 -8.96 -43.34 9.57
C ALA E 245 -7.85 -43.64 8.56
N VAL E 246 -7.00 -42.65 8.31
CA VAL E 246 -5.98 -42.77 7.27
C VAL E 246 -5.04 -43.97 7.48
N PRO E 247 -4.41 -44.07 8.65
CA PRO E 247 -4.38 -43.16 9.81
C PRO E 247 -3.23 -42.17 9.73
N LEU E 248 -3.14 -41.27 10.71
CA LEU E 248 -2.09 -40.26 10.73
C LEU E 248 -1.75 -39.82 12.16
N ALA E 249 -0.52 -39.34 12.34
CA ALA E 249 -0.06 -38.87 13.63
C ALA E 249 0.35 -37.41 13.56
N ASP E 250 -0.32 -36.57 14.34
CA ASP E 250 0.01 -35.16 14.41
C ASP E 250 1.42 -34.98 14.99
N SER E 251 2.36 -34.61 14.13
CA SER E 251 3.77 -34.57 14.49
C SER E 251 4.10 -33.74 15.73
N PHE E 252 3.63 -32.49 15.77
CA PHE E 252 4.05 -31.57 16.81
C PHE E 252 3.48 -31.96 18.17
N ARG E 253 2.30 -32.55 18.16
CA ARG E 253 1.60 -32.86 19.40
C ARG E 253 2.09 -34.19 19.96
N HIS E 254 2.31 -35.16 19.07
CA HIS E 254 2.96 -36.41 19.44
C HIS E 254 4.18 -36.13 20.31
N LEU E 255 5.07 -35.31 19.77
CA LEU E 255 6.33 -34.99 20.44
C LEU E 255 6.11 -34.12 21.68
N TYR E 256 5.28 -33.09 21.53
CA TYR E 256 4.92 -32.22 22.66
C TYR E 256 3.43 -32.37 22.98
N PRO E 257 3.07 -33.38 23.78
CA PRO E 257 1.65 -33.62 24.05
C PRO E 257 1.06 -32.84 25.23
N ASN E 258 1.81 -31.93 25.84
CA ASN E 258 1.28 -31.13 26.94
C ASN E 258 1.77 -29.67 26.92
N THR E 259 2.38 -29.26 25.82
CA THR E 259 2.93 -27.91 25.71
C THR E 259 1.88 -26.93 25.14
N PRO E 260 1.36 -26.04 25.99
CA PRO E 260 0.33 -25.11 25.52
C PRO E 260 0.94 -23.86 24.85
N TYR E 261 0.09 -22.94 24.40
CA TYR E 261 0.52 -21.66 23.84
C TYR E 261 1.32 -21.77 22.53
N ALA E 262 1.31 -22.96 21.91
CA ALA E 262 2.02 -23.16 20.65
C ALA E 262 1.07 -23.00 19.46
N TYR E 263 1.10 -21.82 18.84
CA TYR E 263 0.19 -21.49 17.74
C TYR E 263 0.97 -21.26 16.45
N THR E 264 0.26 -21.28 15.33
CA THR E 264 0.85 -21.01 14.02
C THR E 264 0.13 -19.87 13.30
N PHE E 265 -0.87 -19.29 13.95
CA PHE E 265 -1.64 -18.20 13.35
C PHE E 265 -2.13 -17.18 14.36
N TRP E 266 -2.09 -15.91 13.98
CA TRP E 266 -2.62 -14.83 14.79
C TRP E 266 -3.18 -13.76 13.87
N THR E 267 -4.45 -13.41 14.08
CA THR E 267 -5.08 -12.38 13.25
C THR E 267 -4.19 -11.16 13.13
N TYR E 268 -4.36 -10.43 12.03
CA TYR E 268 -3.68 -9.15 11.84
C TYR E 268 -4.35 -8.05 12.65
N MET E 269 -5.37 -8.42 13.40
CA MET E 269 -6.23 -7.44 14.07
C MET E 269 -5.92 -7.38 15.55
N MET E 270 -6.16 -6.21 16.15
CA MET E 270 -6.03 -6.02 17.58
C MET E 270 -4.77 -6.67 18.14
N ASN E 271 -3.68 -6.55 17.40
CA ASN E 271 -2.36 -6.94 17.87
C ASN E 271 -2.31 -8.31 18.52
N ALA E 272 -3.18 -9.22 18.10
CA ALA E 272 -3.24 -10.55 18.69
C ALA E 272 -1.84 -11.18 18.73
N ARG E 273 -1.13 -11.09 17.60
CA ARG E 273 0.21 -11.63 17.47
C ARG E 273 1.11 -11.26 18.66
N SER E 274 1.23 -9.97 18.93
CA SER E 274 2.06 -9.48 20.03
C SER E 274 1.65 -10.07 21.37
N LYS E 275 0.37 -10.42 21.49
CA LYS E 275 -0.17 -10.97 22.74
C LYS E 275 -0.36 -12.49 22.63
N ASN E 276 0.40 -13.12 21.74
CA ASN E 276 0.26 -14.56 21.45
C ASN E 276 -1.17 -15.08 21.54
N VAL E 277 -2.10 -14.35 20.92
CA VAL E 277 -3.50 -14.73 20.91
C VAL E 277 -3.80 -15.36 19.55
N GLY E 278 -3.64 -16.69 19.46
CA GLY E 278 -3.60 -17.36 18.18
C GLY E 278 -4.20 -18.76 18.10
N TRP E 279 -3.88 -19.45 17.00
CA TRP E 279 -4.42 -20.77 16.70
C TRP E 279 -3.34 -21.67 16.09
N ARG E 280 -3.34 -22.96 16.46
CA ARG E 280 -2.45 -23.91 15.80
C ARG E 280 -3.15 -24.53 14.59
N LEU E 281 -3.00 -23.87 13.44
CA LEU E 281 -3.77 -24.22 12.25
C LEU E 281 -2.94 -24.95 11.19
N ASP E 282 -1.67 -25.15 11.48
CA ASP E 282 -0.75 -25.69 10.48
C ASP E 282 -0.13 -26.96 11.03
N TYR E 283 0.01 -27.97 10.17
CA TYR E 283 0.32 -29.32 10.63
C TYR E 283 1.31 -30.05 9.73
N PHE E 284 2.08 -30.93 10.34
CA PHE E 284 2.66 -32.07 9.63
C PHE E 284 1.97 -33.31 10.15
N LEU E 285 1.34 -34.06 9.25
CA LEU E 285 0.65 -35.28 9.64
C LEU E 285 1.32 -36.46 8.94
N LEU E 286 1.67 -37.48 9.71
CA LEU E 286 2.50 -38.57 9.20
C LEU E 286 1.91 -39.94 9.49
N SER E 287 1.93 -40.81 8.48
CA SER E 287 1.47 -42.18 8.63
C SER E 287 2.35 -42.88 9.66
N HIS E 288 1.72 -43.54 10.63
CA HIS E 288 2.43 -44.14 11.77
C HIS E 288 3.76 -44.79 11.37
N SER E 289 3.85 -45.25 10.13
CA SER E 289 5.07 -45.86 9.62
C SER E 289 6.31 -44.95 9.74
N LEU E 290 6.11 -43.64 9.81
CA LEU E 290 7.20 -42.68 9.81
C LEU E 290 7.41 -42.00 11.16
N LEU E 291 7.00 -42.65 12.23
CA LEU E 291 7.24 -42.12 13.57
C LEU E 291 8.60 -42.52 14.12
N PRO E 292 9.22 -43.58 13.55
CA PRO E 292 10.59 -43.89 13.99
C PRO E 292 11.64 -43.04 13.28
N ALA E 293 11.22 -42.29 12.26
CA ALA E 293 12.10 -41.37 11.56
C ALA E 293 11.92 -39.95 12.11
N LEU E 294 10.85 -39.74 12.89
CA LEU E 294 10.62 -38.46 13.54
C LEU E 294 11.81 -38.03 14.36
N CYS E 295 12.38 -36.88 14.00
CA CYS E 295 13.40 -36.26 14.82
C CYS E 295 12.74 -35.09 15.54
N ASP E 296 12.08 -34.21 14.79
CA ASP E 296 11.44 -33.06 15.40
C ASP E 296 10.38 -32.42 14.49
N SER E 297 9.49 -31.66 15.12
CA SER E 297 8.50 -30.85 14.43
C SER E 297 8.45 -29.48 15.12
N LYS E 298 8.72 -28.43 14.34
CA LYS E 298 8.96 -27.10 14.89
C LYS E 298 7.85 -26.11 14.59
N ILE E 299 8.01 -24.92 15.16
CA ILE E 299 7.09 -23.82 14.92
C ILE E 299 7.86 -22.50 15.00
N ARG E 300 8.23 -21.99 13.82
CA ARG E 300 9.05 -20.79 13.71
C ARG E 300 8.25 -19.55 14.10
N SER E 301 7.98 -19.45 15.40
CA SER E 301 7.10 -18.42 15.94
C SER E 301 7.60 -16.99 15.69
N LYS E 302 8.79 -16.85 15.12
CA LYS E 302 9.47 -15.56 15.08
C LYS E 302 9.49 -14.99 13.67
N ALA E 303 9.30 -15.85 12.67
CA ALA E 303 9.39 -15.46 11.27
C ALA E 303 8.16 -14.65 10.85
N LEU E 304 8.40 -13.47 10.28
CA LEU E 304 7.32 -12.57 9.88
C LEU E 304 7.05 -12.62 8.38
N GLY E 305 6.09 -11.81 7.93
CA GLY E 305 5.76 -11.72 6.51
C GLY E 305 4.29 -12.02 6.22
N SER E 306 3.70 -12.88 7.03
CA SER E 306 2.29 -13.26 6.91
C SER E 306 1.61 -13.18 8.27
N ASP E 307 0.35 -13.60 8.34
CA ASP E 307 -0.37 -13.69 9.61
C ASP E 307 -0.27 -15.11 10.15
N HIS E 308 0.41 -15.97 9.39
CA HIS E 308 0.83 -17.27 9.89
C HIS E 308 2.34 -17.22 10.10
N CYS E 309 2.88 -18.25 10.73
CA CYS E 309 4.33 -18.42 10.82
C CYS E 309 4.69 -19.77 10.24
N PRO E 310 5.96 -19.95 9.87
CA PRO E 310 6.33 -21.23 9.26
C PRO E 310 6.37 -22.34 10.28
N ILE E 311 6.50 -23.58 9.81
CA ILE E 311 6.57 -24.73 10.68
C ILE E 311 7.40 -25.79 9.99
N THR E 312 8.38 -26.36 10.71
CA THR E 312 9.41 -27.19 10.10
C THR E 312 9.44 -28.61 10.66
N LEU E 313 9.71 -29.59 9.80
CA LEU E 313 9.69 -31.00 10.18
C LEU E 313 11.00 -31.72 9.80
N TYR E 314 11.63 -32.36 10.77
CA TYR E 314 12.86 -33.11 10.54
C TYR E 314 12.58 -34.61 10.47
N LEU E 315 13.06 -35.26 9.41
CA LEU E 315 12.92 -36.70 9.25
C LEU E 315 14.25 -37.39 8.95
N ALA E 316 14.49 -38.53 9.59
CA ALA E 316 15.70 -39.31 9.35
C ALA E 316 15.39 -40.57 8.55
N LEU E 317 15.48 -40.46 7.23
CA LEU E 317 15.35 -41.62 6.36
C LEU E 317 16.44 -41.65 5.29
N GLY I 40 14.89 16.90 -27.50
CA GLY I 40 15.34 18.09 -26.82
C GLY I 40 14.66 18.26 -25.46
N PRO I 41 15.34 18.91 -24.51
CA PRO I 41 14.79 19.04 -23.15
C PRO I 41 13.56 19.92 -23.09
N ALA I 42 12.57 19.50 -22.29
CA ALA I 42 11.33 20.24 -22.14
C ALA I 42 11.25 20.80 -20.72
N LEU I 43 11.85 21.96 -20.51
CA LEU I 43 11.99 22.51 -19.18
C LEU I 43 10.99 23.61 -18.89
N TYR I 44 10.40 23.56 -17.69
CA TYR I 44 9.57 24.65 -17.22
C TYR I 44 10.00 25.09 -15.83
N GLU I 45 10.11 26.40 -15.65
CA GLU I 45 10.41 26.96 -14.34
C GLU I 45 9.46 28.11 -14.06
N ASP I 46 8.53 27.88 -13.13
CA ASP I 46 7.56 28.88 -12.74
C ASP I 46 8.27 30.15 -12.30
N PRO I 47 7.96 31.29 -12.94
CA PRO I 47 8.56 32.56 -12.52
C PRO I 47 8.18 32.90 -11.08
N PRO I 48 8.89 33.85 -10.46
CA PRO I 48 8.55 34.32 -9.11
C PRO I 48 7.15 34.93 -9.07
N ASP I 49 6.54 34.90 -7.89
CA ASP I 49 5.20 35.45 -7.71
C ASP I 49 5.18 36.97 -7.94
N GLN I 50 4.46 37.40 -8.98
CA GLN I 50 4.21 38.83 -9.21
C GLN I 50 3.00 39.23 -8.39
N LYS I 51 3.23 40.02 -7.34
CA LYS I 51 2.19 40.31 -6.37
C LYS I 51 1.66 41.73 -6.51
N THR I 52 1.77 42.28 -7.72
CA THR I 52 1.23 43.60 -8.03
C THR I 52 0.36 43.56 -9.28
N SER I 53 -0.73 44.32 -9.26
CA SER I 53 -1.65 44.37 -10.38
C SER I 53 -1.11 45.28 -11.47
N PRO I 54 -1.77 45.31 -12.63
CA PRO I 54 -1.36 46.21 -13.72
C PRO I 54 -1.37 47.67 -13.30
N SER I 55 -2.37 48.07 -12.51
CA SER I 55 -2.49 49.45 -12.10
C SER I 55 -1.55 49.77 -10.93
N GLY I 56 -0.98 48.74 -10.33
CA GLY I 56 0.00 48.92 -9.27
C GLY I 56 -0.45 48.48 -7.90
N LYS I 57 -1.69 47.99 -7.79
CA LYS I 57 -2.25 47.57 -6.51
C LYS I 57 -1.69 46.21 -6.07
N PRO I 58 -1.37 46.08 -4.77
CA PRO I 58 -0.89 44.80 -4.27
C PRO I 58 -1.97 43.74 -4.18
N ALA I 59 -1.57 42.49 -4.32
CA ALA I 59 -2.47 41.36 -4.17
C ALA I 59 -3.05 41.37 -2.75
N THR I 60 -4.35 41.11 -2.65
CA THR I 60 -5.01 40.97 -1.35
C THR I 60 -5.66 39.60 -1.18
N LEU I 61 -5.79 38.87 -2.27
CA LEU I 61 -6.43 37.55 -2.24
C LEU I 61 -5.53 36.49 -2.88
N LYS I 62 -5.35 35.39 -2.16
CA LYS I 62 -4.55 34.27 -2.66
C LYS I 62 -5.41 33.02 -2.65
N ILE I 63 -5.58 32.42 -3.81
CA ILE I 63 -6.39 31.22 -3.96
C ILE I 63 -5.54 30.09 -4.51
N CYS I 64 -5.70 28.91 -3.93
CA CYS I 64 -4.93 27.75 -4.35
C CYS I 64 -5.87 26.60 -4.66
N SER I 65 -5.63 25.95 -5.80
CA SER I 65 -6.45 24.83 -6.24
C SER I 65 -5.58 23.60 -6.40
N TRP I 66 -6.13 22.43 -6.07
CA TRP I 66 -5.35 21.20 -6.09
C TRP I 66 -6.24 19.99 -6.27
N ASN I 67 -6.08 19.29 -7.39
CA ASN I 67 -6.64 17.95 -7.51
C ASN I 67 -5.75 17.02 -6.70
N VAL I 68 -6.36 16.40 -5.70
CA VAL I 68 -5.62 15.82 -4.59
C VAL I 68 -5.48 14.31 -4.70
N ASP I 69 -6.24 13.70 -5.62
CA ASP I 69 -6.17 12.26 -5.84
C ASP I 69 -6.41 11.49 -4.54
N GLY I 70 -7.50 11.82 -3.86
CA GLY I 70 -7.84 11.17 -2.60
C GLY I 70 -7.33 11.96 -1.41
N LEU I 71 -8.26 12.56 -0.68
CA LEU I 71 -7.94 13.40 0.46
C LEU I 71 -7.07 12.65 1.47
N ARG I 72 -7.54 11.48 1.89
CA ARG I 72 -6.83 10.69 2.91
C ARG I 72 -5.41 10.33 2.50
N ALA I 73 -5.23 9.84 1.27
CA ALA I 73 -3.91 9.46 0.78
C ALA I 73 -3.00 10.69 0.74
N TRP I 74 -3.54 11.78 0.20
CA TRP I 74 -2.80 13.03 0.08
C TRP I 74 -2.35 13.57 1.44
N ILE I 75 -3.22 13.45 2.44
CA ILE I 75 -2.90 13.93 3.77
C ILE I 75 -1.74 13.14 4.39
N LYS I 76 -1.70 11.83 4.13
CA LYS I 76 -0.60 11.02 4.65
C LYS I 76 0.67 11.18 3.81
N LYS I 77 0.53 11.77 2.63
CA LYS I 77 1.71 12.18 1.86
C LYS I 77 2.11 13.61 2.22
N LYS I 78 1.52 14.15 3.29
CA LYS I 78 1.94 15.44 3.82
C LYS I 78 1.47 16.63 2.97
N GLY I 79 0.33 16.48 2.32
CA GLY I 79 -0.22 17.55 1.51
C GLY I 79 -0.52 18.79 2.34
N LEU I 80 -1.02 18.57 3.55
CA LEU I 80 -1.40 19.67 4.41
C LEU I 80 -0.18 20.51 4.81
N ASP I 81 0.97 19.86 4.95
CA ASP I 81 2.18 20.59 5.32
C ASP I 81 2.48 21.66 4.26
N TRP I 82 2.33 21.29 3.00
CA TRP I 82 2.55 22.22 1.90
C TRP I 82 1.52 23.34 1.95
N VAL I 83 0.27 22.99 2.21
CA VAL I 83 -0.81 23.96 2.27
C VAL I 83 -0.58 24.99 3.37
N LYS I 84 -0.05 24.55 4.51
CA LYS I 84 0.28 25.47 5.61
C LYS I 84 1.25 26.54 5.14
N GLU I 85 2.20 26.15 4.30
CA GLU I 85 3.24 27.06 3.85
C GLU I 85 2.75 28.05 2.80
N GLU I 86 1.91 27.59 1.88
CA GLU I 86 1.32 28.50 0.89
C GLU I 86 0.39 29.49 1.57
N ALA I 87 -0.28 29.02 2.62
CA ALA I 87 -1.13 29.89 3.43
C ALA I 87 -2.12 30.65 2.55
N PRO I 88 -2.87 29.92 1.72
CA PRO I 88 -3.87 30.57 0.87
C PRO I 88 -4.98 31.19 1.69
N ASP I 89 -5.70 32.17 1.12
CA ASP I 89 -6.90 32.70 1.75
C ASP I 89 -8.06 31.76 1.46
N ILE I 90 -7.97 31.07 0.32
CA ILE I 90 -8.96 30.09 -0.10
C ILE I 90 -8.27 28.90 -0.74
N LEU I 91 -8.74 27.71 -0.38
CA LEU I 91 -8.19 26.46 -0.88
C LEU I 91 -9.31 25.62 -1.48
N CYS I 92 -9.12 25.22 -2.74
CA CYS I 92 -10.09 24.38 -3.43
C CYS I 92 -9.49 23.01 -3.70
N LEU I 93 -10.25 21.96 -3.38
CA LEU I 93 -9.75 20.60 -3.50
C LEU I 93 -10.69 19.76 -4.35
N GLN I 94 -10.12 19.03 -5.30
CA GLN I 94 -10.91 18.14 -6.15
C GLN I 94 -10.43 16.70 -5.99
N GLU I 95 -11.34 15.76 -6.24
CA GLU I 95 -11.05 14.35 -6.09
C GLU I 95 -10.66 14.06 -4.65
N THR I 96 -11.51 14.47 -3.72
CA THR I 96 -11.29 14.18 -2.31
C THR I 96 -11.66 12.73 -2.01
N LYS I 97 -12.61 12.19 -2.76
CA LYS I 97 -12.97 10.78 -2.64
C LYS I 97 -13.18 10.40 -1.18
N CYS I 98 -13.85 11.29 -0.45
CA CYS I 98 -14.08 11.08 0.97
C CYS I 98 -15.38 11.78 1.37
N SER I 99 -16.26 11.05 2.03
CA SER I 99 -17.48 11.64 2.58
C SER I 99 -17.13 12.51 3.79
N GLU I 100 -18.09 13.33 4.23
CA GLU I 100 -17.84 14.30 5.29
C GLU I 100 -17.44 13.61 6.58
N ASN I 101 -18.15 12.55 6.93
CA ASN I 101 -17.95 11.88 8.21
C ASN I 101 -16.75 10.94 8.23
N LYS I 102 -16.16 10.70 7.06
CA LYS I 102 -14.92 9.94 6.97
C LYS I 102 -13.70 10.86 6.98
N LEU I 103 -13.96 12.17 7.01
CA LEU I 103 -12.87 13.15 6.97
C LEU I 103 -11.90 12.98 8.13
N PRO I 104 -10.60 12.91 7.82
CA PRO I 104 -9.54 12.69 8.83
C PRO I 104 -9.46 13.80 9.87
N ALA I 105 -9.08 13.45 11.09
CA ALA I 105 -8.94 14.43 12.17
C ALA I 105 -7.78 15.37 11.91
N GLU I 106 -6.76 14.88 11.22
CA GLU I 106 -5.60 15.71 10.88
C GLU I 106 -6.03 16.97 10.14
N LEU I 107 -7.10 16.86 9.38
CA LEU I 107 -7.61 17.97 8.59
C LEU I 107 -8.11 19.11 9.48
N GLN I 108 -8.54 18.77 10.68
CA GLN I 108 -8.99 19.77 11.65
C GLN I 108 -7.81 20.51 12.27
N GLU I 109 -6.62 19.95 12.12
CA GLU I 109 -5.41 20.59 12.62
C GLU I 109 -4.91 21.70 11.70
N LEU I 110 -5.46 21.74 10.48
CA LEU I 110 -5.04 22.72 9.49
C LEU I 110 -5.42 24.13 9.96
N PRO I 111 -4.41 24.98 10.23
CA PRO I 111 -4.66 26.31 10.80
C PRO I 111 -5.50 27.21 9.90
N GLY I 112 -6.24 28.13 10.52
CA GLY I 112 -7.05 29.08 9.80
C GLY I 112 -8.00 28.36 8.87
N LEU I 113 -8.31 28.99 7.73
CA LEU I 113 -9.26 28.42 6.80
C LEU I 113 -10.45 27.89 7.59
N SER I 114 -11.05 28.78 8.38
CA SER I 114 -12.03 28.41 9.39
C SER I 114 -13.32 27.84 8.80
N HIS I 115 -13.66 28.29 7.60
CA HIS I 115 -14.94 27.93 6.99
C HIS I 115 -14.73 26.93 5.86
N GLN I 116 -15.25 25.72 6.06
CA GLN I 116 -14.92 24.58 5.21
C GLN I 116 -16.16 23.90 4.69
N TYR I 117 -16.17 23.65 3.39
CA TYR I 117 -17.33 23.08 2.72
C TYR I 117 -16.94 21.87 1.90
N TRP I 118 -17.80 20.86 1.88
CA TRP I 118 -17.52 19.61 1.21
C TRP I 118 -18.72 19.11 0.44
N SER I 119 -18.44 18.49 -0.71
CA SER I 119 -19.47 17.82 -1.49
C SER I 119 -18.97 16.45 -1.92
N ALA I 120 -19.83 15.44 -1.79
CA ALA I 120 -19.52 14.09 -2.20
C ALA I 120 -20.67 13.53 -3.02
N PRO I 121 -20.39 12.55 -3.88
CA PRO I 121 -21.47 11.97 -4.69
C PRO I 121 -22.58 11.42 -3.79
N SER I 122 -23.79 11.33 -4.31
CA SER I 122 -24.91 10.87 -3.50
C SER I 122 -24.87 9.35 -3.26
N ASP I 123 -24.35 8.60 -4.24
CA ASP I 123 -24.29 7.14 -4.10
C ASP I 123 -23.13 6.49 -4.88
N LYS I 124 -21.99 7.18 -4.93
CA LYS I 124 -20.74 6.58 -5.42
C LYS I 124 -19.64 6.89 -4.42
N GLU I 125 -19.36 5.97 -3.50
CA GLU I 125 -18.38 6.21 -2.46
C GLU I 125 -16.94 6.19 -2.99
N GLY I 126 -16.08 7.01 -2.39
CA GLY I 126 -14.68 7.07 -2.78
C GLY I 126 -14.49 7.44 -4.23
N TYR I 127 -15.35 8.34 -4.73
CA TYR I 127 -15.30 8.79 -6.11
C TYR I 127 -15.55 10.29 -6.19
N SER I 128 -14.78 10.98 -7.02
CA SER I 128 -14.95 12.42 -7.20
C SER I 128 -14.80 13.12 -5.85
N GLY I 129 -15.75 13.98 -5.52
CA GLY I 129 -15.67 14.74 -4.28
C GLY I 129 -14.91 16.03 -4.45
N VAL I 130 -15.43 17.09 -3.87
CA VAL I 130 -14.84 18.42 -4.00
C VAL I 130 -14.93 19.16 -2.67
N GLY I 131 -14.00 20.07 -2.43
CA GLY I 131 -13.95 20.80 -1.18
C GLY I 131 -13.55 22.25 -1.36
N LEU I 132 -14.04 23.11 -0.47
CA LEU I 132 -13.72 24.53 -0.52
C LEU I 132 -13.54 25.07 0.90
N LEU I 133 -12.31 25.48 1.21
CA LEU I 133 -11.96 26.01 2.52
C LEU I 133 -11.53 27.47 2.39
N SER I 134 -12.01 28.34 3.28
CA SER I 134 -11.67 29.76 3.20
C SER I 134 -11.49 30.46 4.54
N ARG I 135 -10.50 31.34 4.60
CA ARG I 135 -10.25 32.21 5.74
C ARG I 135 -11.52 32.96 6.15
N GLN I 136 -12.16 33.62 5.20
CA GLN I 136 -13.36 34.40 5.49
C GLN I 136 -14.61 33.61 5.14
N CYS I 137 -15.70 33.89 5.86
CA CYS I 137 -16.97 33.22 5.63
C CYS I 137 -17.62 33.79 4.37
N PRO I 138 -17.94 32.93 3.40
CA PRO I 138 -18.62 33.43 2.20
C PRO I 138 -20.00 33.99 2.54
N LEU I 139 -20.59 34.77 1.64
CA LEU I 139 -21.93 35.29 1.87
C LEU I 139 -22.94 34.20 1.61
N LYS I 140 -22.59 33.26 0.72
CA LYS I 140 -23.49 32.19 0.36
C LYS I 140 -22.74 31.04 -0.30
N VAL I 141 -23.13 29.82 0.03
CA VAL I 141 -22.53 28.64 -0.58
C VAL I 141 -23.64 27.74 -1.12
N SER I 142 -23.43 27.21 -2.33
CA SER I 142 -24.37 26.25 -2.90
C SER I 142 -23.62 25.11 -3.58
N TYR I 143 -24.35 24.10 -4.03
CA TYR I 143 -23.74 22.89 -4.53
C TYR I 143 -24.32 22.47 -5.86
N GLY I 144 -23.49 21.92 -6.72
CA GLY I 144 -23.91 21.50 -8.05
C GLY I 144 -24.12 22.67 -8.97
N ILE I 145 -24.64 22.40 -10.16
CA ILE I 145 -24.80 23.44 -11.18
C ILE I 145 -26.26 23.63 -11.58
N GLY I 146 -27.18 23.31 -10.69
CA GLY I 146 -28.60 23.53 -10.93
C GLY I 146 -29.17 22.61 -12.01
N ASP I 147 -28.71 21.36 -12.03
CA ASP I 147 -29.25 20.35 -12.94
C ASP I 147 -29.04 18.97 -12.32
N GLU I 148 -30.14 18.29 -12.03
CA GLU I 148 -30.12 17.05 -11.26
C GLU I 148 -29.26 15.98 -11.93
N GLU I 149 -29.30 15.94 -13.24
CA GLU I 149 -28.54 14.96 -14.01
C GLU I 149 -27.04 15.06 -13.71
N HIS I 150 -26.60 16.26 -13.36
CA HIS I 150 -25.17 16.54 -13.26
C HIS I 150 -24.70 16.77 -11.81
N ASP I 151 -25.62 16.67 -10.86
CA ASP I 151 -25.30 16.97 -9.46
C ASP I 151 -25.24 15.73 -8.58
N GLN I 152 -24.98 14.57 -9.18
CA GLN I 152 -24.96 13.32 -8.43
C GLN I 152 -23.56 12.93 -7.97
N GLU I 153 -22.54 13.61 -8.49
CA GLU I 153 -21.17 13.15 -8.32
C GLU I 153 -20.25 14.12 -7.58
N GLY I 154 -20.85 15.03 -6.81
CA GLY I 154 -20.11 15.93 -5.94
C GLY I 154 -18.95 16.63 -6.62
N ARG I 155 -19.26 17.43 -7.63
CA ARG I 155 -18.23 17.98 -8.51
C ARG I 155 -18.06 19.50 -8.42
N VAL I 156 -19.07 20.19 -7.92
CA VAL I 156 -19.06 21.65 -7.93
C VAL I 156 -19.53 22.28 -6.62
N ILE I 157 -18.77 23.27 -6.17
CA ILE I 157 -19.16 24.10 -5.04
C ILE I 157 -19.07 25.55 -5.45
N VAL I 158 -20.11 26.33 -5.14
CA VAL I 158 -20.15 27.74 -5.46
C VAL I 158 -20.13 28.55 -4.17
N ALA I 159 -19.16 29.44 -4.06
CA ALA I 159 -19.02 30.29 -2.88
C ALA I 159 -18.99 31.76 -3.28
N GLU I 160 -20.05 32.49 -2.93
CA GLU I 160 -20.17 33.89 -3.28
C GLU I 160 -19.55 34.78 -2.20
N PHE I 161 -18.65 35.66 -2.62
CA PHE I 161 -18.06 36.66 -1.73
C PHE I 161 -18.52 38.05 -2.15
N ASP I 162 -18.04 39.07 -1.45
CA ASP I 162 -18.45 40.45 -1.70
C ASP I 162 -18.36 40.85 -3.16
N SER I 163 -17.16 40.76 -3.75
CA SER I 163 -16.91 41.33 -5.07
C SER I 163 -16.79 40.31 -6.19
N PHE I 164 -16.97 39.03 -5.89
CA PHE I 164 -16.87 38.00 -6.92
C PHE I 164 -17.47 36.69 -6.44
N VAL I 165 -17.61 35.75 -7.38
CA VAL I 165 -18.15 34.43 -7.07
C VAL I 165 -17.13 33.36 -7.44
N LEU I 166 -16.80 32.50 -6.49
CA LEU I 166 -15.82 31.44 -6.72
C LEU I 166 -16.51 30.12 -7.01
N VAL I 167 -16.13 29.49 -8.12
CA VAL I 167 -16.62 28.17 -8.46
C VAL I 167 -15.44 27.21 -8.55
N THR I 168 -15.47 26.15 -7.76
CA THR I 168 -14.48 25.08 -7.87
C THR I 168 -15.18 23.90 -8.51
N ALA I 169 -14.49 23.24 -9.44
CA ALA I 169 -15.11 22.18 -10.22
C ALA I 169 -14.13 21.05 -10.52
N TYR I 170 -14.62 19.83 -10.43
CA TYR I 170 -13.92 18.65 -10.91
C TYR I 170 -14.73 18.09 -12.08
N VAL I 171 -14.27 18.39 -13.29
CA VAL I 171 -15.04 18.09 -14.50
C VAL I 171 -14.95 16.62 -14.87
N PRO I 172 -16.09 16.01 -15.25
CA PRO I 172 -16.18 14.58 -15.58
C PRO I 172 -15.19 14.11 -16.63
N ASN I 173 -14.43 13.07 -16.29
CA ASN I 173 -13.50 12.47 -17.24
C ASN I 173 -14.27 11.79 -18.36
N ALA I 174 -13.76 11.87 -19.57
CA ALA I 174 -14.40 11.24 -20.72
C ALA I 174 -14.05 9.76 -20.78
N GLY I 175 -13.00 9.36 -20.05
CA GLY I 175 -12.68 7.96 -19.85
C GLY I 175 -11.78 7.34 -20.90
N ARG I 176 -11.08 6.27 -20.53
CA ARG I 176 -10.37 5.46 -21.49
C ARG I 176 -11.39 4.87 -22.46
N GLY I 177 -11.07 4.88 -23.75
CA GLY I 177 -12.01 4.40 -24.76
C GLY I 177 -13.06 5.44 -25.08
N LEU I 178 -13.03 6.58 -24.38
CA LEU I 178 -13.98 7.66 -24.61
C LEU I 178 -15.40 7.17 -24.35
N VAL I 179 -15.53 6.20 -23.45
CA VAL I 179 -16.81 5.61 -23.12
C VAL I 179 -17.79 6.59 -22.47
N ARG I 180 -17.28 7.72 -21.98
CA ARG I 180 -18.16 8.71 -21.35
C ARG I 180 -18.08 10.07 -22.05
N LEU I 181 -17.59 10.08 -23.28
CA LEU I 181 -17.41 11.33 -24.01
C LEU I 181 -18.73 12.03 -24.31
N GLU I 182 -19.79 11.25 -24.55
CA GLU I 182 -21.08 11.83 -24.86
C GLU I 182 -21.65 12.60 -23.66
N TYR I 183 -21.59 11.97 -22.49
CA TYR I 183 -22.10 12.61 -21.28
C TYR I 183 -21.34 13.90 -20.98
N ARG I 184 -20.04 13.90 -21.27
CA ARG I 184 -19.18 15.04 -20.97
C ARG I 184 -19.49 16.23 -21.87
N GLN I 185 -19.92 15.95 -23.11
CA GLN I 185 -20.37 17.00 -24.02
C GLN I 185 -21.64 17.63 -23.49
N ARG I 186 -22.47 16.82 -22.84
CA ARG I 186 -23.70 17.32 -22.23
C ARG I 186 -23.39 18.10 -20.95
N TRP I 187 -22.36 17.66 -20.22
CA TRP I 187 -21.94 18.39 -19.03
C TRP I 187 -21.40 19.76 -19.41
N ASP I 188 -20.48 19.78 -20.37
CA ASP I 188 -19.87 21.02 -20.86
C ASP I 188 -20.96 22.04 -21.14
N GLU I 189 -22.01 21.60 -21.83
CA GLU I 189 -23.11 22.47 -22.24
C GLU I 189 -23.86 23.01 -21.03
N ALA I 190 -24.21 22.12 -20.12
CA ALA I 190 -24.94 22.51 -18.91
C ALA I 190 -24.09 23.39 -18.00
N PHE I 191 -22.79 23.13 -17.98
CA PHE I 191 -21.86 23.86 -17.11
C PHE I 191 -21.64 25.27 -17.64
N ARG I 192 -21.43 25.36 -18.95
CA ARG I 192 -21.26 26.65 -19.61
C ARG I 192 -22.45 27.59 -19.37
N LYS I 193 -23.67 27.07 -19.50
CA LYS I 193 -24.87 27.88 -19.28
C LYS I 193 -24.99 28.31 -17.83
N PHE I 194 -24.73 27.38 -16.92
CA PHE I 194 -24.83 27.67 -15.49
C PHE I 194 -23.89 28.81 -15.09
N LEU I 195 -22.68 28.79 -15.64
CA LEU I 195 -21.68 29.80 -15.32
C LEU I 195 -22.07 31.17 -15.87
N LYS I 196 -22.50 31.21 -17.12
CA LYS I 196 -22.99 32.45 -17.73
C LYS I 196 -24.05 33.07 -16.81
N GLY I 197 -24.87 32.21 -16.22
CA GLY I 197 -25.91 32.65 -15.30
C GLY I 197 -25.35 33.31 -14.06
N LEU I 198 -24.29 32.74 -13.49
CA LEU I 198 -23.63 33.33 -12.33
C LEU I 198 -22.95 34.64 -12.72
N ALA I 199 -22.25 34.61 -13.85
CA ALA I 199 -21.51 35.77 -14.35
C ALA I 199 -22.41 36.99 -14.48
N SER I 200 -23.66 36.76 -14.82
CA SER I 200 -24.58 37.85 -15.13
C SER I 200 -24.84 38.76 -13.93
N ARG I 201 -24.61 38.25 -12.73
CA ARG I 201 -24.87 39.03 -11.52
C ARG I 201 -23.60 39.39 -10.75
N LYS I 202 -22.55 38.60 -10.91
CA LYS I 202 -21.28 38.90 -10.26
C LYS I 202 -20.08 38.35 -11.04
N PRO I 203 -18.95 39.08 -10.98
CA PRO I 203 -17.69 38.61 -11.60
C PRO I 203 -17.33 37.22 -11.09
N LEU I 204 -16.73 36.40 -11.94
CA LEU I 204 -16.59 34.99 -11.69
C LEU I 204 -15.13 34.55 -11.70
N VAL I 205 -14.73 33.81 -10.68
CA VAL I 205 -13.47 33.08 -10.71
C VAL I 205 -13.80 31.58 -10.70
N LEU I 206 -13.38 30.89 -11.75
CA LEU I 206 -13.60 29.46 -11.87
C LEU I 206 -12.26 28.76 -11.78
N CYS I 207 -12.13 27.81 -10.87
CA CYS I 207 -10.87 27.10 -10.71
C CYS I 207 -11.10 25.61 -10.53
N GLY I 208 -10.04 24.82 -10.76
CA GLY I 208 -10.11 23.40 -10.55
C GLY I 208 -9.69 22.60 -11.77
N ASP I 209 -9.91 21.29 -11.70
CA ASP I 209 -9.51 20.40 -12.76
C ASP I 209 -10.61 20.35 -13.82
N LEU I 210 -10.42 21.14 -14.87
CA LEU I 210 -11.40 21.20 -15.95
C LEU I 210 -11.21 20.05 -16.95
N ASN I 211 -10.20 19.23 -16.71
CA ASN I 211 -9.95 18.04 -17.50
C ASN I 211 -9.96 18.27 -19.01
N VAL I 212 -9.22 19.29 -19.43
CA VAL I 212 -8.94 19.56 -20.85
C VAL I 212 -7.60 20.24 -20.99
N ALA I 213 -6.84 19.84 -22.01
CA ALA I 213 -5.68 20.59 -22.44
C ALA I 213 -6.09 21.40 -23.65
N HIS I 214 -6.37 22.69 -23.43
CA HIS I 214 -7.03 23.52 -24.43
C HIS I 214 -6.34 23.45 -25.79
N GLU I 215 -5.05 23.77 -25.81
CA GLU I 215 -4.29 23.82 -27.06
C GLU I 215 -3.09 22.90 -27.00
N GLU I 216 -2.36 22.81 -28.10
CA GLU I 216 -1.26 21.87 -28.20
C GLU I 216 -0.14 22.21 -27.21
N ILE I 217 0.10 23.50 -27.01
CA ILE I 217 1.10 23.94 -26.05
C ILE I 217 0.76 23.45 -24.64
N ASP I 218 -0.49 23.05 -24.42
CA ASP I 218 -0.96 22.66 -23.09
C ASP I 218 -0.69 21.19 -22.75
N LEU I 219 0.01 20.47 -23.61
CA LEU I 219 0.45 19.12 -23.26
C LEU I 219 1.68 18.67 -24.07
N ARG I 220 2.40 17.69 -23.54
CA ARG I 220 3.69 17.30 -24.09
C ARG I 220 3.60 16.58 -25.44
N ASN I 221 2.67 15.63 -25.55
CA ASN I 221 2.45 14.94 -26.83
C ASN I 221 1.04 15.13 -27.37
N PRO I 222 0.80 16.27 -28.04
CA PRO I 222 -0.52 16.60 -28.60
C PRO I 222 -0.97 15.60 -29.65
N LYS I 223 -0.07 15.24 -30.55
CA LYS I 223 -0.40 14.40 -31.71
C LYS I 223 -0.83 13.00 -31.31
N GLY I 224 -0.14 12.42 -30.32
CA GLY I 224 -0.45 11.07 -29.87
C GLY I 224 -1.74 10.95 -29.08
N ASN I 225 -2.29 12.09 -28.65
CA ASN I 225 -3.46 12.09 -27.77
C ASN I 225 -4.75 12.63 -28.39
N LYS I 226 -4.78 12.85 -29.70
CA LYS I 226 -5.93 13.48 -30.33
C LYS I 226 -7.21 12.64 -30.21
N LYS I 227 -7.08 11.39 -29.75
CA LYS I 227 -8.25 10.55 -29.46
C LYS I 227 -8.29 10.14 -28.00
N ASN I 228 -7.39 10.69 -27.20
CA ASN I 228 -7.36 10.39 -25.77
C ASN I 228 -8.17 11.42 -24.99
N ALA I 229 -8.87 10.96 -23.95
CA ALA I 229 -9.64 11.85 -23.11
C ALA I 229 -8.76 13.02 -22.65
N GLY I 230 -9.32 14.22 -22.75
CA GLY I 230 -8.63 15.41 -22.32
C GLY I 230 -8.04 16.21 -23.47
N PHE I 231 -8.02 15.62 -24.65
CA PHE I 231 -7.50 16.33 -25.82
C PHE I 231 -8.22 15.94 -27.11
N THR I 232 -9.44 15.43 -26.99
CA THR I 232 -10.28 15.21 -28.16
C THR I 232 -10.74 16.55 -28.71
N PRO I 233 -11.03 16.61 -30.01
CA PRO I 233 -11.61 17.82 -30.61
C PRO I 233 -12.85 18.30 -29.86
N GLN I 234 -13.67 17.37 -29.37
CA GLN I 234 -14.92 17.71 -28.71
C GLN I 234 -14.65 18.50 -27.43
N GLU I 235 -13.71 18.00 -26.64
CA GLU I 235 -13.41 18.60 -25.35
C GLU I 235 -12.64 19.92 -25.48
N ARG I 236 -11.80 20.01 -26.51
CA ARG I 236 -11.02 21.21 -26.78
C ARG I 236 -11.89 22.35 -27.26
N GLN I 237 -12.91 22.04 -28.04
CA GLN I 237 -13.80 23.08 -28.54
C GLN I 237 -14.91 23.39 -27.54
N GLY I 238 -15.16 22.45 -26.64
CA GLY I 238 -16.07 22.70 -25.53
C GLY I 238 -15.46 23.75 -24.62
N PHE I 239 -14.13 23.69 -24.47
CA PHE I 239 -13.40 24.62 -23.62
C PHE I 239 -13.30 26.00 -24.28
N GLY I 240 -13.12 26.01 -25.60
CA GLY I 240 -13.05 27.24 -26.34
C GLY I 240 -14.36 28.01 -26.32
N GLU I 241 -15.46 27.26 -26.34
CA GLU I 241 -16.78 27.87 -26.29
C GLU I 241 -17.03 28.41 -24.89
N LEU I 242 -16.46 27.74 -23.90
CA LEU I 242 -16.60 28.16 -22.50
C LEU I 242 -15.94 29.51 -22.28
N LEU I 243 -14.75 29.69 -22.85
CA LEU I 243 -14.04 30.97 -22.75
C LEU I 243 -14.81 32.06 -23.48
N GLN I 244 -15.40 31.72 -24.62
CA GLN I 244 -16.02 32.72 -25.48
C GLN I 244 -17.45 33.06 -25.08
N ALA I 245 -18.19 32.06 -24.59
CA ALA I 245 -19.63 32.22 -24.40
C ALA I 245 -20.05 32.73 -23.02
N VAL I 246 -19.14 32.68 -22.05
CA VAL I 246 -19.51 33.06 -20.68
C VAL I 246 -19.52 34.58 -20.44
N PRO I 247 -18.42 35.29 -20.78
CA PRO I 247 -17.11 34.87 -21.29
C PRO I 247 -16.09 34.75 -20.15
N LEU I 248 -14.94 34.17 -20.47
CA LEU I 248 -13.88 33.97 -19.47
C LEU I 248 -12.50 34.07 -20.12
N ALA I 249 -11.52 34.44 -19.31
CA ALA I 249 -10.13 34.46 -19.74
C ALA I 249 -9.34 33.42 -18.96
N ASP I 250 -8.49 32.68 -19.68
CA ASP I 250 -7.58 31.72 -19.08
C ASP I 250 -6.40 32.49 -18.48
N SER I 251 -6.31 32.52 -17.15
CA SER I 251 -5.41 33.46 -16.47
C SER I 251 -3.93 33.19 -16.74
N PHE I 252 -3.51 31.93 -16.62
CA PHE I 252 -2.12 31.59 -16.85
C PHE I 252 -1.73 31.92 -18.29
N ARG I 253 -2.59 31.54 -19.23
CA ARG I 253 -2.26 31.70 -20.64
C ARG I 253 -2.39 33.16 -21.07
N HIS I 254 -3.15 33.93 -20.30
CA HIS I 254 -3.24 35.37 -20.53
C HIS I 254 -1.92 36.06 -20.18
N LEU I 255 -1.31 35.63 -19.08
CA LEU I 255 -0.07 36.22 -18.61
C LEU I 255 1.15 35.64 -19.31
N TYR I 256 1.04 34.40 -19.78
CA TYR I 256 2.18 33.70 -20.38
C TYR I 256 1.79 33.01 -21.68
N PRO I 257 1.53 33.80 -22.73
CA PRO I 257 0.93 33.29 -23.97
C PRO I 257 1.79 32.26 -24.71
N ASN I 258 3.11 32.39 -24.59
CA ASN I 258 4.03 31.59 -25.39
C ASN I 258 4.90 30.63 -24.58
N THR I 259 4.52 30.37 -23.34
CA THR I 259 5.32 29.55 -22.45
C THR I 259 4.92 28.07 -22.55
N PRO I 260 5.82 27.23 -23.05
CA PRO I 260 5.51 25.80 -23.20
C PRO I 260 5.99 24.97 -22.02
N TYR I 261 5.55 23.72 -21.97
CA TYR I 261 6.03 22.75 -20.99
C TYR I 261 5.52 23.04 -19.59
N ALA I 262 4.54 23.94 -19.50
CA ALA I 262 3.91 24.27 -18.22
C ALA I 262 2.72 23.37 -17.99
N TYR I 263 2.91 22.33 -17.16
CA TYR I 263 1.88 21.33 -16.96
C TYR I 263 1.44 21.25 -15.50
N THR I 264 0.22 20.78 -15.28
CA THR I 264 -0.30 20.62 -13.92
C THR I 264 -0.65 19.16 -13.62
N PHE I 265 -0.40 18.27 -14.58
CA PHE I 265 -0.68 16.86 -14.39
C PHE I 265 0.29 15.95 -15.14
N TRP I 266 0.72 14.89 -14.45
CA TRP I 266 1.54 13.84 -15.05
C TRP I 266 1.04 12.50 -14.53
N THR I 267 0.84 11.54 -15.42
CA THR I 267 0.40 10.22 -14.99
C THR I 267 1.48 9.60 -14.09
N TYR I 268 1.05 8.86 -13.09
CA TYR I 268 1.97 8.15 -12.23
C TYR I 268 2.77 7.14 -13.05
N MET I 269 2.20 6.69 -14.16
CA MET I 269 2.82 5.65 -14.97
C MET I 269 4.06 6.15 -15.71
N MET I 270 5.03 5.25 -15.87
CA MET I 270 6.16 5.48 -16.77
C MET I 270 6.98 6.72 -16.40
N ASN I 271 7.08 6.99 -15.11
CA ASN I 271 7.87 8.10 -14.61
C ASN I 271 7.66 9.39 -15.40
N ALA I 272 6.42 9.59 -15.85
CA ALA I 272 6.09 10.73 -16.71
C ALA I 272 6.50 12.05 -16.08
N ARG I 273 6.32 12.20 -14.78
CA ARG I 273 6.57 13.48 -14.12
C ARG I 273 8.05 13.87 -14.16
N SER I 274 8.94 12.91 -13.91
CA SER I 274 10.36 13.18 -13.96
C SER I 274 10.81 13.45 -15.40
N LYS I 275 9.98 13.07 -16.36
CA LYS I 275 10.25 13.35 -17.77
C LYS I 275 9.54 14.62 -18.22
N ASN I 276 8.89 15.31 -17.28
CA ASN I 276 7.95 16.38 -17.60
C ASN I 276 7.08 16.09 -18.81
N VAL I 277 6.58 14.86 -18.90
CA VAL I 277 5.55 14.53 -19.87
C VAL I 277 4.22 14.69 -19.16
N GLY I 278 3.57 15.82 -19.41
CA GLY I 278 2.38 16.18 -18.65
C GLY I 278 1.32 16.91 -19.43
N TRP I 279 0.27 17.30 -18.72
CA TRP I 279 -0.86 18.02 -19.30
C TRP I 279 -1.14 19.22 -18.41
N ARG I 280 -1.66 20.29 -19.00
CA ARG I 280 -2.20 21.40 -18.25
C ARG I 280 -3.71 21.23 -18.16
N LEU I 281 -4.17 20.68 -17.04
CA LEU I 281 -5.58 20.34 -16.86
C LEU I 281 -6.29 21.21 -15.83
N ASP I 282 -5.51 21.94 -15.05
CA ASP I 282 -6.04 22.79 -13.99
C ASP I 282 -5.91 24.26 -14.35
N TYR I 283 -6.96 25.03 -14.12
CA TYR I 283 -7.00 26.43 -14.53
C TYR I 283 -7.59 27.33 -13.45
N PHE I 284 -7.27 28.61 -13.57
CA PHE I 284 -8.08 29.68 -13.00
C PHE I 284 -8.64 30.48 -14.16
N LEU I 285 -9.95 30.40 -14.39
CA LEU I 285 -10.61 31.18 -15.41
C LEU I 285 -11.31 32.36 -14.76
N LEU I 286 -11.18 33.53 -15.38
CA LEU I 286 -11.66 34.77 -14.78
C LEU I 286 -12.61 35.53 -15.70
N SER I 287 -13.59 36.20 -15.12
CA SER I 287 -14.38 37.17 -15.86
C SER I 287 -13.45 38.31 -16.28
N HIS I 288 -13.75 38.92 -17.42
CA HIS I 288 -12.85 39.92 -17.99
C HIS I 288 -12.73 41.16 -17.10
N SER I 289 -13.75 41.43 -16.30
CA SER I 289 -13.72 42.58 -15.41
C SER I 289 -12.74 42.38 -14.24
N LEU I 290 -12.21 41.18 -14.10
CA LEU I 290 -11.27 40.89 -13.03
C LEU I 290 -9.82 40.90 -13.51
N LEU I 291 -9.63 41.02 -14.81
CA LEU I 291 -8.28 41.02 -15.37
C LEU I 291 -7.42 42.16 -14.83
N PRO I 292 -8.02 43.35 -14.63
CA PRO I 292 -7.27 44.44 -14.00
C PRO I 292 -6.83 44.10 -12.58
N ALA I 293 -7.42 43.05 -12.00
CA ALA I 293 -7.08 42.64 -10.65
C ALA I 293 -6.05 41.52 -10.62
N LEU I 294 -5.79 40.91 -11.76
CA LEU I 294 -4.89 39.77 -11.85
C LEU I 294 -3.43 40.19 -11.66
N CYS I 295 -2.76 39.59 -10.68
CA CYS I 295 -1.35 39.88 -10.42
C CYS I 295 -0.48 38.72 -10.91
N ASP I 296 -0.95 37.49 -10.73
CA ASP I 296 -0.24 36.33 -11.24
C ASP I 296 -1.07 35.05 -11.16
N SER I 297 -0.74 34.10 -12.01
CA SER I 297 -1.32 32.76 -12.00
C SER I 297 -0.18 31.77 -12.08
N LYS I 298 -0.10 30.87 -11.10
CA LYS I 298 1.10 30.09 -10.88
C LYS I 298 0.86 28.58 -10.96
N ILE I 299 1.94 27.86 -11.23
CA ILE I 299 1.95 26.40 -11.28
C ILE I 299 3.03 25.88 -10.34
N ARG I 300 2.61 25.28 -9.23
CA ARG I 300 3.52 24.81 -8.19
C ARG I 300 4.10 23.45 -8.54
N SER I 301 4.96 23.43 -9.55
CA SER I 301 5.46 22.18 -10.13
C SER I 301 6.15 21.26 -9.14
N LYS I 302 6.75 21.83 -8.10
CA LYS I 302 7.58 21.05 -7.18
C LYS I 302 6.77 20.33 -6.09
N ALA I 303 5.51 20.72 -5.92
CA ALA I 303 4.71 20.20 -4.82
C ALA I 303 4.24 18.78 -5.12
N LEU I 304 4.53 17.84 -4.21
CA LEU I 304 4.19 16.44 -4.40
C LEU I 304 2.98 16.04 -3.57
N GLY I 305 2.50 14.81 -3.77
CA GLY I 305 1.40 14.27 -2.99
C GLY I 305 0.23 13.82 -3.86
N SER I 306 0.35 14.04 -5.17
CA SER I 306 -0.70 13.69 -6.10
C SER I 306 -0.11 13.58 -7.50
N ASP I 307 -0.93 13.21 -8.48
CA ASP I 307 -0.49 13.24 -9.88
C ASP I 307 -0.79 14.59 -10.52
N HIS I 308 -1.47 15.46 -9.77
CA HIS I 308 -1.56 16.87 -10.14
C HIS I 308 -0.72 17.67 -9.16
N CYS I 309 -0.24 18.81 -9.60
CA CYS I 309 0.38 19.77 -8.69
C CYS I 309 -0.61 20.91 -8.47
N PRO I 310 -0.40 21.70 -7.40
CA PRO I 310 -1.25 22.85 -7.13
C PRO I 310 -1.05 23.98 -8.12
N ILE I 311 -2.07 24.82 -8.25
CA ILE I 311 -1.97 26.09 -8.96
C ILE I 311 -2.41 27.19 -8.00
N THR I 312 -1.84 28.39 -8.15
CA THR I 312 -2.13 29.49 -7.24
C THR I 312 -2.45 30.79 -7.98
N LEU I 313 -3.52 31.44 -7.56
CA LEU I 313 -3.97 32.70 -8.16
C LEU I 313 -3.75 33.86 -7.19
N TYR I 314 -3.20 34.95 -7.70
CA TYR I 314 -3.07 36.18 -6.93
C TYR I 314 -3.97 37.28 -7.52
N LEU I 315 -4.86 37.84 -6.70
CA LEU I 315 -5.71 38.94 -7.15
C LEU I 315 -5.59 40.15 -6.23
N ALA I 316 -5.65 41.33 -6.84
CA ALA I 316 -5.69 42.57 -6.09
C ALA I 316 -7.12 43.08 -6.07
N LEU I 317 -7.81 42.82 -4.96
CA LEU I 317 -9.16 43.35 -4.75
C LEU I 317 -9.15 44.50 -3.75
N ALA M 42 -16.91 38.78 53.42
CA ALA M 42 -17.47 37.70 52.64
C ALA M 42 -16.62 37.46 51.39
N LEU M 43 -15.76 36.45 51.44
CA LEU M 43 -14.73 36.29 50.42
C LEU M 43 -14.78 34.97 49.65
N TYR M 44 -14.00 34.93 48.59
CA TYR M 44 -13.90 33.75 47.74
C TYR M 44 -12.49 33.59 47.17
N GLU M 45 -11.97 32.39 47.23
CA GLU M 45 -10.71 32.05 46.57
C GLU M 45 -10.86 30.73 45.83
N ASP M 46 -11.04 30.83 44.52
CA ASP M 46 -11.22 29.66 43.67
C ASP M 46 -10.23 28.56 44.04
N PRO M 47 -10.75 27.36 44.37
CA PRO M 47 -9.85 26.23 44.62
C PRO M 47 -8.94 25.97 43.42
N PRO M 48 -7.79 25.31 43.63
CA PRO M 48 -6.88 24.98 42.54
C PRO M 48 -7.51 24.11 41.45
N ASP M 49 -7.00 24.20 40.23
CA ASP M 49 -7.54 23.43 39.12
C ASP M 49 -7.37 21.93 39.34
N GLN M 50 -8.49 21.22 39.42
CA GLN M 50 -8.47 19.76 39.43
C GLN M 50 -8.49 19.26 37.99
N LYS M 51 -7.33 18.84 37.49
CA LYS M 51 -7.21 18.43 36.10
C LYS M 51 -7.23 16.92 35.97
N THR M 52 -8.08 16.29 36.77
CA THR M 52 -8.28 14.86 36.70
C THR M 52 -9.72 14.54 37.04
N SER M 53 -10.37 13.75 36.19
CA SER M 53 -11.77 13.38 36.40
C SER M 53 -11.86 12.41 37.58
N PRO M 54 -13.08 12.07 38.01
CA PRO M 54 -13.22 11.11 39.12
C PRO M 54 -12.70 9.73 38.75
N SER M 55 -12.63 9.45 37.44
CA SER M 55 -12.26 8.14 36.93
C SER M 55 -10.77 8.03 36.60
N GLY M 56 -9.98 9.02 37.02
CA GLY M 56 -8.54 8.98 36.82
C GLY M 56 -7.98 9.61 35.54
N LYS M 57 -8.67 9.42 34.42
CA LYS M 57 -8.35 10.09 33.16
C LYS M 57 -8.06 11.59 33.30
N PRO M 58 -6.96 12.06 32.67
CA PRO M 58 -6.57 13.47 32.72
C PRO M 58 -7.40 14.34 31.79
N ALA M 59 -7.50 15.62 32.12
CA ALA M 59 -8.19 16.58 31.26
C ALA M 59 -7.49 16.66 29.92
N THR M 60 -8.29 16.64 28.85
CA THR M 60 -7.79 16.69 27.49
C THR M 60 -8.38 17.89 26.74
N LEU M 61 -9.22 18.65 27.41
CA LEU M 61 -9.96 19.72 26.76
C LEU M 61 -10.22 20.86 27.74
N LYS M 62 -9.75 22.04 27.39
CA LYS M 62 -9.87 23.21 28.26
C LYS M 62 -10.64 24.33 27.56
N ILE M 63 -11.87 24.55 28.01
CA ILE M 63 -12.71 25.59 27.44
C ILE M 63 -12.81 26.79 28.38
N CYS M 64 -12.50 27.97 27.87
CA CYS M 64 -12.62 29.20 28.64
C CYS M 64 -13.72 30.09 28.04
N SER M 65 -14.52 30.72 28.90
CA SER M 65 -15.59 31.60 28.46
C SER M 65 -15.47 32.94 29.18
N TRP M 66 -15.73 34.03 28.45
CA TRP M 66 -15.55 35.36 29.01
C TRP M 66 -16.45 36.38 28.34
N ASN M 67 -17.35 36.98 29.11
CA ASN M 67 -18.06 38.16 28.65
C ASN M 67 -17.08 39.33 28.71
N VAL M 68 -16.86 39.96 27.57
CA VAL M 68 -15.67 40.76 27.39
C VAL M 68 -15.96 42.26 27.41
N ASP M 69 -17.25 42.60 27.33
CA ASP M 69 -17.69 43.99 27.48
C ASP M 69 -17.06 44.89 26.43
N GLY M 70 -17.02 44.41 25.19
CA GLY M 70 -16.43 45.18 24.11
C GLY M 70 -15.05 44.63 23.78
N LEU M 71 -14.96 43.97 22.63
CA LEU M 71 -13.75 43.28 22.22
C LEU M 71 -12.57 44.22 22.10
N ARG M 72 -12.77 45.33 21.40
CA ARG M 72 -11.70 46.30 21.16
C ARG M 72 -11.18 46.90 22.45
N ALA M 73 -12.07 47.27 23.37
CA ALA M 73 -11.63 47.83 24.64
C ALA M 73 -10.93 46.77 25.48
N TRP M 74 -11.48 45.57 25.47
CA TRP M 74 -10.91 44.45 26.22
C TRP M 74 -9.47 44.15 25.80
N ILE M 75 -9.23 44.24 24.50
CA ILE M 75 -7.89 44.01 23.96
C ILE M 75 -6.90 45.09 24.41
N LYS M 76 -7.35 46.35 24.41
CA LYS M 76 -6.51 47.45 24.88
C LYS M 76 -6.14 47.26 26.34
N LYS M 77 -7.04 46.67 27.11
CA LYS M 77 -6.77 46.37 28.52
C LYS M 77 -6.02 45.05 28.65
N LYS M 78 -5.52 44.53 27.53
CA LYS M 78 -4.64 43.36 27.53
C LYS M 78 -5.36 42.07 27.89
N GLY M 79 -6.57 41.89 27.37
CA GLY M 79 -7.32 40.66 27.58
C GLY M 79 -6.65 39.48 26.91
N LEU M 80 -6.05 39.71 25.75
CA LEU M 80 -5.44 38.64 24.98
C LEU M 80 -4.20 38.08 25.68
N ASP M 81 -3.55 38.90 26.48
CA ASP M 81 -2.34 38.46 27.17
C ASP M 81 -2.71 37.42 28.23
N TRP M 82 -3.86 37.60 28.86
CA TRP M 82 -4.35 36.62 29.82
C TRP M 82 -4.75 35.33 29.10
N VAL M 83 -5.42 35.48 27.97
CA VAL M 83 -5.86 34.34 27.18
C VAL M 83 -4.66 33.52 26.70
N LYS M 84 -3.59 34.21 26.32
CA LYS M 84 -2.37 33.52 25.90
C LYS M 84 -1.82 32.66 27.02
N GLU M 85 -1.87 33.20 28.25
CA GLU M 85 -1.33 32.49 29.41
C GLU M 85 -2.21 31.30 29.80
N GLU M 86 -3.52 31.48 29.72
CA GLU M 86 -4.46 30.42 30.08
C GLU M 86 -4.49 29.34 29.00
N ALA M 87 -4.12 29.72 27.77
CA ALA M 87 -4.01 28.78 26.66
C ALA M 87 -5.10 27.72 26.64
N PRO M 88 -6.35 28.14 26.38
CA PRO M 88 -7.45 27.18 26.28
C PRO M 88 -7.54 26.60 24.87
N ASP M 89 -8.15 25.43 24.74
CA ASP M 89 -8.37 24.84 23.43
C ASP M 89 -9.52 25.56 22.73
N ILE M 90 -10.41 26.13 23.54
CA ILE M 90 -11.53 26.88 23.01
C ILE M 90 -11.83 28.08 23.89
N LEU M 91 -12.08 29.21 23.23
CA LEU M 91 -12.37 30.47 23.91
C LEU M 91 -13.69 31.03 23.42
N CYS M 92 -14.61 31.27 24.35
CA CYS M 92 -15.92 31.83 23.99
C CYS M 92 -16.03 33.25 24.52
N LEU M 93 -16.33 34.19 23.63
CA LEU M 93 -16.44 35.59 23.97
C LEU M 93 -17.87 36.10 23.76
N GLN M 94 -18.40 36.79 24.76
CA GLN M 94 -19.71 37.43 24.63
C GLN M 94 -19.61 38.95 24.75
N GLU M 95 -20.57 39.66 24.19
CA GLU M 95 -20.54 41.12 24.18
C GLU M 95 -19.28 41.64 23.50
N THR M 96 -19.02 41.15 22.29
CA THR M 96 -17.85 41.59 21.52
C THR M 96 -18.04 43.01 20.99
N LYS M 97 -19.29 43.40 20.80
CA LYS M 97 -19.63 44.74 20.31
C LYS M 97 -18.76 45.15 19.14
N CYS M 98 -18.63 44.28 18.15
CA CYS M 98 -17.74 44.55 17.04
C CYS M 98 -18.14 43.78 15.79
N SER M 99 -18.29 44.49 14.66
CA SER M 99 -18.64 43.85 13.41
C SER M 99 -17.39 43.19 12.81
N GLU M 100 -17.57 42.52 11.67
CA GLU M 100 -16.52 41.66 11.11
C GLU M 100 -15.36 42.43 10.46
N ASN M 101 -15.61 43.65 10.01
CA ASN M 101 -14.58 44.44 9.36
C ASN M 101 -13.65 45.14 10.37
N LYS M 102 -14.20 45.52 11.52
CA LYS M 102 -13.43 46.23 12.54
C LYS M 102 -12.84 45.29 13.59
N LEU M 103 -12.70 44.01 13.24
CA LEU M 103 -12.06 43.04 14.13
C LEU M 103 -10.57 43.34 14.23
N PRO M 104 -10.10 43.68 15.44
CA PRO M 104 -8.68 43.99 15.66
C PRO M 104 -7.74 42.93 15.09
N ALA M 105 -6.70 43.38 14.39
CA ALA M 105 -5.70 42.49 13.81
C ALA M 105 -5.02 41.63 14.86
N GLU M 106 -5.03 42.08 16.12
CA GLU M 106 -4.35 41.35 17.18
C GLU M 106 -5.01 40.02 17.51
N LEU M 107 -6.16 39.74 16.90
CA LEU M 107 -6.78 38.42 17.05
C LEU M 107 -5.97 37.36 16.31
N GLN M 108 -5.14 37.81 15.36
CA GLN M 108 -4.21 36.91 14.69
C GLN M 108 -3.04 36.54 15.60
N GLU M 109 -3.02 37.12 16.80
CA GLU M 109 -1.98 36.84 17.79
C GLU M 109 -2.34 35.58 18.58
N LEU M 110 -3.28 34.79 18.08
CA LEU M 110 -3.66 33.56 18.75
C LEU M 110 -3.50 32.39 17.78
N PRO M 111 -2.26 31.92 17.59
CA PRO M 111 -1.97 30.82 16.66
C PRO M 111 -2.70 29.54 17.05
N GLY M 112 -2.82 29.30 18.35
CA GLY M 112 -3.44 28.09 18.86
C GLY M 112 -4.95 28.15 18.87
N LEU M 113 -5.51 29.29 18.48
CA LEU M 113 -6.96 29.47 18.36
C LEU M 113 -7.29 30.07 17.01
N SER M 114 -6.68 29.51 15.96
CA SER M 114 -6.75 30.05 14.61
C SER M 114 -8.14 29.98 13.98
N HIS M 115 -9.00 29.13 14.52
CA HIS M 115 -10.34 28.94 13.95
C HIS M 115 -11.36 29.80 14.68
N GLN M 116 -11.69 30.94 14.08
CA GLN M 116 -12.51 31.95 14.73
C GLN M 116 -13.83 32.17 14.02
N TYR M 117 -14.89 32.35 14.81
CA TYR M 117 -16.22 32.56 14.29
C TYR M 117 -16.88 33.70 15.06
N TRP M 118 -17.59 34.56 14.33
CA TRP M 118 -18.18 35.74 14.93
C TRP M 118 -19.62 35.93 14.49
N SER M 119 -20.44 36.47 15.38
CA SER M 119 -21.80 36.84 15.05
C SER M 119 -22.11 38.18 15.67
N ALA M 120 -22.53 39.12 14.82
CA ALA M 120 -22.93 40.43 15.30
C ALA M 120 -24.35 40.71 14.86
N PRO M 121 -25.02 41.65 15.55
CA PRO M 121 -26.39 42.03 15.19
C PRO M 121 -26.52 42.39 13.71
N SER M 122 -27.73 42.32 13.19
CA SER M 122 -27.99 42.62 11.79
C SER M 122 -27.99 44.13 11.52
N ASP M 123 -28.53 44.90 12.45
CA ASP M 123 -28.68 46.35 12.24
C ASP M 123 -28.48 47.19 13.51
N LYS M 124 -27.81 46.64 14.51
CA LYS M 124 -27.55 47.37 15.75
C LYS M 124 -26.05 47.34 16.07
N GLU M 125 -25.32 48.32 15.54
CA GLU M 125 -23.87 48.38 15.69
C GLU M 125 -23.44 48.55 17.14
N GLY M 126 -22.33 47.90 17.50
CA GLY M 126 -21.72 48.09 18.81
C GLY M 126 -22.56 47.57 19.96
N TYR M 127 -23.42 46.59 19.67
CA TYR M 127 -24.25 45.99 20.69
C TYR M 127 -24.14 44.47 20.60
N SER M 128 -24.27 43.80 21.73
CA SER M 128 -24.24 42.35 21.76
C SER M 128 -23.02 41.81 21.01
N GLY M 129 -23.20 40.70 20.30
CA GLY M 129 -22.11 40.12 19.54
C GLY M 129 -21.42 39.02 20.31
N VAL M 130 -21.11 37.91 19.64
CA VAL M 130 -20.48 36.78 20.28
C VAL M 130 -19.40 36.19 19.38
N GLY M 131 -18.43 35.52 19.99
CA GLY M 131 -17.35 34.92 19.24
C GLY M 131 -16.98 33.56 19.78
N LEU M 132 -16.41 32.73 18.91
CA LEU M 132 -16.00 31.39 19.29
C LEU M 132 -14.71 31.05 18.56
N LEU M 133 -13.63 30.85 19.32
CA LEU M 133 -12.34 30.52 18.74
C LEU M 133 -11.92 29.13 19.20
N SER M 134 -11.31 28.36 18.30
CA SER M 134 -10.95 26.98 18.62
C SER M 134 -9.63 26.54 17.99
N ARG M 135 -8.88 25.75 18.75
CA ARG M 135 -7.61 25.19 18.28
C ARG M 135 -7.87 24.26 17.10
N GLN M 136 -8.86 23.40 17.24
CA GLN M 136 -9.26 22.51 16.18
C GLN M 136 -10.39 23.15 15.39
N CYS M 137 -10.38 22.95 14.08
CA CYS M 137 -11.53 23.33 13.27
C CYS M 137 -12.71 22.44 13.64
N PRO M 138 -13.84 23.03 14.01
CA PRO M 138 -15.04 22.23 14.31
C PRO M 138 -15.57 21.53 13.06
N LEU M 139 -16.42 20.52 13.26
CA LEU M 139 -16.98 19.75 12.16
C LEU M 139 -18.06 20.55 11.43
N LYS M 140 -18.81 21.34 12.18
CA LYS M 140 -19.84 22.19 11.60
C LYS M 140 -20.13 23.36 12.53
N VAL M 141 -20.24 24.55 11.96
CA VAL M 141 -20.57 25.75 12.72
C VAL M 141 -21.85 26.36 12.19
N SER M 142 -22.66 26.90 13.10
CA SER M 142 -23.92 27.53 12.72
C SER M 142 -24.22 28.67 13.69
N TYR M 143 -25.14 29.55 13.29
CA TYR M 143 -25.39 30.77 14.04
C TYR M 143 -26.87 30.91 14.36
N GLY M 144 -27.16 31.48 15.53
CA GLY M 144 -28.52 31.65 15.98
C GLY M 144 -29.10 30.36 16.48
N ILE M 145 -30.39 30.35 16.76
CA ILE M 145 -31.04 29.21 17.37
C ILE M 145 -32.25 28.73 16.56
N GLY M 146 -32.22 29.02 15.25
CA GLY M 146 -33.26 28.54 14.35
C GLY M 146 -34.60 29.20 14.56
N ASP M 147 -34.61 30.51 14.80
CA ASP M 147 -35.84 31.26 14.97
C ASP M 147 -35.58 32.74 14.70
N GLU M 148 -36.18 33.24 13.62
CA GLU M 148 -35.85 34.56 13.08
C GLU M 148 -36.11 35.75 14.02
N GLU M 149 -36.97 35.56 15.02
CA GLU M 149 -37.20 36.63 15.99
C GLU M 149 -35.99 36.79 16.90
N HIS M 150 -35.27 35.69 17.13
CA HIS M 150 -34.24 35.64 18.16
C HIS M 150 -32.82 35.62 17.61
N ASP M 151 -32.68 35.64 16.29
CA ASP M 151 -31.38 35.50 15.65
C ASP M 151 -30.94 36.80 14.96
N GLN M 152 -31.38 37.94 15.49
CA GLN M 152 -31.10 39.24 14.89
C GLN M 152 -30.05 40.03 15.68
N GLU M 153 -29.67 39.51 16.85
CA GLU M 153 -28.80 40.25 17.75
C GLU M 153 -27.47 39.54 18.04
N GLY M 154 -27.04 38.67 17.13
CA GLY M 154 -25.76 38.00 17.25
C GLY M 154 -25.49 37.51 18.66
N ARG M 155 -26.29 36.54 19.11
CA ARG M 155 -26.21 36.07 20.48
C ARG M 155 -25.73 34.63 20.62
N VAL M 156 -25.73 33.86 19.52
CA VAL M 156 -25.45 32.43 19.64
C VAL M 156 -24.61 31.87 18.50
N ILE M 157 -23.59 31.11 18.89
CA ILE M 157 -22.81 30.32 17.94
C ILE M 157 -22.82 28.87 18.39
N VAL M 158 -22.99 27.98 17.41
CA VAL M 158 -23.04 26.55 17.67
C VAL M 158 -21.93 25.86 16.90
N ALA M 159 -21.05 25.16 17.61
CA ALA M 159 -19.95 24.46 16.98
C ALA M 159 -19.97 22.99 17.40
N GLU M 160 -20.17 22.09 16.44
CA GLU M 160 -20.15 20.67 16.75
C GLU M 160 -18.76 20.10 16.59
N PHE M 161 -18.41 19.21 17.51
CA PHE M 161 -17.13 18.53 17.48
C PHE M 161 -17.39 17.03 17.43
N ASP M 162 -16.35 16.24 17.64
CA ASP M 162 -16.46 14.79 17.54
C ASP M 162 -17.50 14.23 18.51
N SER M 163 -17.26 14.42 19.81
CA SER M 163 -18.10 13.78 20.82
C SER M 163 -19.01 14.73 21.58
N PHE M 164 -19.07 16.00 21.19
CA PHE M 164 -20.01 16.94 21.81
C PHE M 164 -20.29 18.16 20.94
N VAL M 165 -21.33 18.90 21.30
CA VAL M 165 -21.67 20.15 20.64
C VAL M 165 -21.50 21.30 21.63
N LEU M 166 -20.76 22.33 21.22
CA LEU M 166 -20.56 23.50 22.05
C LEU M 166 -21.52 24.61 21.62
N VAL M 167 -22.15 25.26 22.59
CA VAL M 167 -22.96 26.44 22.33
C VAL M 167 -22.48 27.55 23.22
N THR M 168 -22.22 28.72 22.64
CA THR M 168 -21.94 29.90 23.44
C THR M 168 -23.05 30.90 23.21
N ALA M 169 -23.53 31.51 24.28
CA ALA M 169 -24.66 32.43 24.19
C ALA M 169 -24.49 33.68 25.05
N TYR M 170 -25.04 34.78 24.57
CA TYR M 170 -25.18 35.99 25.37
C TYR M 170 -26.67 36.26 25.48
N VAL M 171 -27.26 35.89 26.61
CA VAL M 171 -28.70 35.89 26.78
C VAL M 171 -29.23 37.31 26.93
N PRO M 172 -30.39 37.60 26.31
CA PRO M 172 -30.95 38.96 26.33
C PRO M 172 -31.15 39.49 27.75
N ASN M 173 -30.77 40.75 27.97
CA ASN M 173 -30.95 41.37 29.27
C ASN M 173 -32.40 41.81 29.45
N ALA M 174 -32.98 41.52 30.61
CA ALA M 174 -34.36 41.90 30.90
C ALA M 174 -34.47 43.41 31.02
N GLY M 175 -33.34 44.05 31.33
CA GLY M 175 -33.26 45.50 31.32
C GLY M 175 -33.53 46.17 32.65
N ARG M 176 -32.97 47.36 32.82
CA ARG M 176 -33.30 48.21 33.96
C ARG M 176 -34.77 48.60 33.84
N GLY M 177 -35.55 48.30 34.88
CA GLY M 177 -36.98 48.53 34.83
C GLY M 177 -37.75 47.32 34.33
N LEU M 178 -37.03 46.27 33.98
CA LEU M 178 -37.65 45.05 33.46
C LEU M 178 -38.44 45.35 32.19
N VAL M 179 -38.04 46.40 31.49
CA VAL M 179 -38.71 46.84 30.28
C VAL M 179 -38.76 45.74 29.21
N ARG M 180 -37.85 44.78 29.30
CA ARG M 180 -37.70 43.76 28.28
C ARG M 180 -37.91 42.37 28.85
N LEU M 181 -38.55 42.28 30.02
CA LEU M 181 -38.75 41.00 30.66
C LEU M 181 -39.63 40.09 29.82
N GLU M 182 -40.63 40.67 29.17
CA GLU M 182 -41.53 39.90 28.31
C GLU M 182 -40.77 39.15 27.23
N TYR M 183 -39.88 39.85 26.54
CA TYR M 183 -39.18 39.28 25.39
C TYR M 183 -38.19 38.24 25.89
N ARG M 184 -37.68 38.50 27.09
CA ARG M 184 -36.75 37.58 27.72
C ARG M 184 -37.39 36.21 27.93
N GLN M 185 -38.64 36.22 28.37
CA GLN M 185 -39.36 34.97 28.61
C GLN M 185 -39.58 34.26 27.28
N ARG M 186 -39.84 35.04 26.23
CA ARG M 186 -39.98 34.48 24.89
C ARG M 186 -38.65 33.89 24.42
N TRP M 187 -37.56 34.54 24.76
CA TRP M 187 -36.23 34.01 24.44
C TRP M 187 -35.98 32.70 25.19
N ASP M 188 -36.40 32.66 26.45
CA ASP M 188 -36.05 31.54 27.32
C ASP M 188 -36.71 30.22 26.90
N GLU M 189 -37.88 30.27 26.27
CA GLU M 189 -38.54 29.05 25.82
C GLU M 189 -38.01 28.61 24.45
N ALA M 190 -37.80 29.58 23.56
CA ALA M 190 -37.26 29.26 22.24
C ALA M 190 -35.86 28.67 22.37
N PHE M 191 -35.09 29.20 23.32
CA PHE M 191 -33.74 28.73 23.57
C PHE M 191 -33.78 27.32 24.16
N ARG M 192 -34.68 27.10 25.11
CA ARG M 192 -34.80 25.81 25.77
C ARG M 192 -35.15 24.71 24.77
N LYS M 193 -36.09 25.01 23.87
CA LYS M 193 -36.50 24.06 22.84
C LYS M 193 -35.36 23.76 21.88
N PHE M 194 -34.75 24.83 21.38
CA PHE M 194 -33.58 24.69 20.51
C PHE M 194 -32.53 23.79 21.14
N LEU M 195 -32.27 23.99 22.43
CA LEU M 195 -31.21 23.25 23.13
C LEU M 195 -31.59 21.79 23.33
N LYS M 196 -32.85 21.53 23.66
CA LYS M 196 -33.33 20.16 23.82
C LYS M 196 -33.09 19.40 22.52
N GLY M 197 -33.41 20.05 21.40
CA GLY M 197 -33.14 19.52 20.08
C GLY M 197 -31.70 19.03 19.95
N LEU M 198 -30.75 19.95 20.12
CA LEU M 198 -29.33 19.63 19.97
C LEU M 198 -28.92 18.49 20.90
N ALA M 199 -29.42 18.52 22.13
CA ALA M 199 -29.01 17.56 23.15
C ALA M 199 -29.50 16.14 22.86
N SER M 200 -30.52 16.02 22.01
CA SER M 200 -31.07 14.72 21.66
C SER M 200 -30.10 13.96 20.75
N ARG M 201 -29.37 14.69 19.93
CA ARG M 201 -28.49 14.10 18.93
C ARG M 201 -27.09 13.86 19.51
N LYS M 202 -26.55 14.87 20.17
CA LYS M 202 -25.23 14.76 20.78
C LYS M 202 -25.21 15.31 22.20
N PRO M 203 -24.25 14.87 23.02
CA PRO M 203 -24.05 15.49 24.34
C PRO M 203 -23.67 16.96 24.16
N LEU M 204 -24.06 17.81 25.11
CA LEU M 204 -24.09 19.25 24.87
C LEU M 204 -23.38 20.03 25.97
N VAL M 205 -22.49 20.93 25.56
CA VAL M 205 -21.89 21.90 26.45
C VAL M 205 -22.38 23.30 26.09
N LEU M 206 -23.08 23.94 27.02
CA LEU M 206 -23.51 25.33 26.83
C LEU M 206 -22.74 26.22 27.80
N CYS M 207 -22.09 27.25 27.25
CA CYS M 207 -21.35 28.19 28.07
C CYS M 207 -21.67 29.63 27.67
N GLY M 208 -21.43 30.57 28.58
CA GLY M 208 -21.59 31.97 28.28
C GLY M 208 -22.34 32.73 29.35
N ASP M 209 -22.80 33.92 29.00
CA ASP M 209 -23.51 34.79 29.92
C ASP M 209 -25.01 34.54 29.80
N LEU M 210 -25.52 33.64 30.63
CA LEU M 210 -26.92 33.26 30.56
C LEU M 210 -27.79 34.32 31.25
N ASN M 211 -27.13 35.23 31.96
CA ASN M 211 -27.80 36.42 32.49
C ASN M 211 -28.87 36.09 33.52
N VAL M 212 -28.55 35.16 34.43
CA VAL M 212 -29.40 34.84 35.55
C VAL M 212 -28.58 34.31 36.72
N ALA M 213 -28.88 34.80 37.91
CA ALA M 213 -28.42 34.14 39.13
C ALA M 213 -29.50 33.15 39.52
N HIS M 214 -29.20 31.87 39.39
CA HIS M 214 -30.21 30.82 39.55
C HIS M 214 -30.82 30.81 40.95
N GLU M 215 -29.97 30.65 41.96
CA GLU M 215 -30.42 30.60 43.34
C GLU M 215 -29.80 31.73 44.17
N GLU M 216 -30.30 31.89 45.40
CA GLU M 216 -29.88 32.99 46.26
C GLU M 216 -28.36 33.04 46.42
N ILE M 217 -27.74 31.86 46.51
CA ILE M 217 -26.31 31.77 46.71
C ILE M 217 -25.52 32.23 45.48
N ASP M 218 -26.22 32.57 44.40
CA ASP M 218 -25.58 33.01 43.16
C ASP M 218 -25.50 34.53 43.03
N LEU M 219 -25.70 35.25 44.14
CA LEU M 219 -25.44 36.69 44.17
C LEU M 219 -25.41 37.19 45.61
N ARG M 220 -24.72 38.30 45.83
CA ARG M 220 -24.47 38.81 47.18
C ARG M 220 -25.72 39.34 47.86
N ASN M 221 -26.57 40.02 47.11
CA ASN M 221 -27.75 40.68 47.67
C ASN M 221 -29.06 40.17 47.08
N PRO M 222 -29.45 38.93 47.44
CA PRO M 222 -30.67 38.30 46.93
C PRO M 222 -31.94 39.12 47.18
N LYS M 223 -32.20 39.48 48.43
CA LYS M 223 -33.46 40.10 48.81
C LYS M 223 -33.70 41.43 48.08
N GLY M 224 -32.64 42.23 47.95
CA GLY M 224 -32.76 43.53 47.32
C GLY M 224 -33.04 43.47 45.82
N ASN M 225 -32.70 42.36 45.19
CA ASN M 225 -32.75 42.25 43.73
C ASN M 225 -33.83 41.33 43.17
N LYS M 226 -34.86 41.07 43.96
CA LYS M 226 -35.91 40.14 43.52
C LYS M 226 -36.83 40.74 42.46
N LYS M 227 -36.69 42.05 42.22
CA LYS M 227 -37.39 42.69 41.11
C LYS M 227 -36.38 43.34 40.16
N ASN M 228 -35.16 42.83 40.18
CA ASN M 228 -34.09 43.31 39.31
C ASN M 228 -33.77 42.29 38.23
N ALA M 229 -33.50 42.76 37.02
CA ALA M 229 -33.07 41.88 35.95
C ALA M 229 -32.01 40.93 36.47
N GLY M 230 -32.09 39.68 36.06
CA GLY M 230 -31.11 38.68 36.46
C GLY M 230 -31.52 37.84 37.64
N PHE M 231 -32.47 38.34 38.44
CA PHE M 231 -32.92 37.59 39.62
C PHE M 231 -34.43 37.62 39.84
N THR M 232 -35.18 38.08 38.85
CA THR M 232 -36.64 37.99 38.91
C THR M 232 -37.05 36.53 39.02
N PRO M 233 -38.28 36.27 39.49
CA PRO M 233 -38.76 34.89 39.56
C PRO M 233 -38.87 34.28 38.16
N GLN M 234 -39.36 35.07 37.20
CA GLN M 234 -39.48 34.61 35.82
C GLN M 234 -38.18 33.95 35.35
N GLU M 235 -37.10 34.72 35.42
CA GLU M 235 -35.82 34.29 34.88
C GLU M 235 -35.24 33.12 35.66
N ARG M 236 -35.45 33.11 36.97
CA ARG M 236 -34.94 32.02 37.80
C ARG M 236 -35.67 30.71 37.51
N GLN M 237 -36.98 30.82 37.25
CA GLN M 237 -37.75 29.68 36.78
C GLN M 237 -37.17 29.23 35.45
N GLY M 238 -37.20 30.12 34.46
CA GLY M 238 -36.65 29.86 33.15
C GLY M 238 -35.39 29.00 33.17
N PHE M 239 -34.46 29.37 34.05
CA PHE M 239 -33.19 28.66 34.15
C PHE M 239 -33.39 27.30 34.82
N GLY M 240 -34.29 27.25 35.80
CA GLY M 240 -34.61 26.01 36.48
C GLY M 240 -35.18 24.96 35.53
N GLU M 241 -36.07 25.39 34.65
CA GLU M 241 -36.71 24.45 33.72
C GLU M 241 -35.84 24.17 32.50
N LEU M 242 -34.79 24.96 32.32
CA LEU M 242 -33.77 24.65 31.31
C LEU M 242 -32.94 23.47 31.81
N LEU M 243 -32.57 23.51 33.08
CA LEU M 243 -31.80 22.43 33.69
C LEU M 243 -32.54 21.10 33.60
N GLN M 244 -33.85 21.13 33.83
CA GLN M 244 -34.63 19.91 33.95
C GLN M 244 -35.20 19.43 32.60
N ALA M 245 -35.45 20.38 31.70
CA ALA M 245 -36.07 20.05 30.42
C ALA M 245 -35.08 19.44 29.41
N VAL M 246 -33.87 19.98 29.35
CA VAL M 246 -32.95 19.65 28.28
C VAL M 246 -32.51 18.18 28.24
N PRO M 247 -31.93 17.68 29.34
CA PRO M 247 -31.59 18.30 30.62
C PRO M 247 -30.10 18.60 30.75
N LEU M 248 -29.74 19.55 31.62
CA LEU M 248 -28.35 19.94 31.81
C LEU M 248 -27.98 20.09 33.29
N ALA M 249 -26.70 19.97 33.59
CA ALA M 249 -26.21 20.15 34.96
C ALA M 249 -25.27 21.34 35.04
N ASP M 250 -25.55 22.22 36.00
CA ASP M 250 -24.69 23.37 36.28
C ASP M 250 -23.35 22.89 36.81
N SER M 251 -22.30 22.97 35.98
CA SER M 251 -21.03 22.35 36.29
C SER M 251 -20.36 22.86 37.57
N PHE M 252 -20.39 24.17 37.81
CA PHE M 252 -19.72 24.73 38.99
C PHE M 252 -20.44 24.30 40.25
N ARG M 253 -21.77 24.35 40.21
CA ARG M 253 -22.56 24.08 41.40
C ARG M 253 -22.60 22.57 41.69
N HIS M 254 -22.57 21.76 40.65
CA HIS M 254 -22.51 20.32 40.80
C HIS M 254 -21.24 19.89 41.54
N LEU M 255 -20.17 20.66 41.35
CA LEU M 255 -18.88 20.36 41.98
C LEU M 255 -18.76 21.02 43.35
N TYR M 256 -19.39 22.17 43.50
CA TYR M 256 -19.33 22.94 44.74
C TYR M 256 -20.73 23.41 45.09
N PRO M 257 -21.57 22.49 45.59
CA PRO M 257 -22.99 22.82 45.76
C PRO M 257 -23.28 23.81 46.90
N ASN M 258 -22.31 24.08 47.76
CA ASN M 258 -22.56 24.95 48.91
C ASN M 258 -21.58 26.12 49.03
N THR M 259 -20.62 26.20 48.12
CA THR M 259 -19.64 27.27 48.16
C THR M 259 -20.30 28.61 47.81
N PRO M 260 -20.30 29.57 48.76
CA PRO M 260 -20.93 30.88 48.54
C PRO M 260 -19.94 31.95 48.10
N TYR M 261 -20.45 33.11 47.72
CA TYR M 261 -19.62 34.26 47.36
C TYR M 261 -18.80 34.03 46.08
N ALA M 262 -19.19 33.05 45.27
CA ALA M 262 -18.52 32.80 44.00
C ALA M 262 -19.27 33.48 42.86
N TYR M 263 -18.73 34.60 42.39
CA TYR M 263 -19.42 35.42 41.39
C TYR M 263 -18.55 35.61 40.16
N THR M 264 -19.20 35.91 39.04
CA THR M 264 -18.50 36.13 37.78
C THR M 264 -18.78 37.50 37.20
N PHE M 265 -19.56 38.30 37.92
CA PHE M 265 -19.86 39.66 37.48
C PHE M 265 -20.00 40.62 38.66
N TRP M 266 -19.45 41.82 38.50
CA TRP M 266 -19.62 42.88 39.48
C TRP M 266 -19.82 44.19 38.70
N THR M 267 -20.80 44.99 39.10
CA THR M 267 -21.00 46.27 38.44
C THR M 267 -19.75 47.14 38.62
N TYR M 268 -19.37 47.86 37.57
CA TYR M 268 -18.26 48.78 37.65
C TYR M 268 -18.49 49.81 38.76
N MET M 269 -19.77 50.09 39.03
CA MET M 269 -20.14 51.14 39.97
C MET M 269 -19.81 50.79 41.41
N MET M 270 -19.90 51.80 42.27
CA MET M 270 -19.74 51.66 43.72
C MET M 270 -18.72 50.61 44.16
N ASN M 271 -17.63 50.50 43.43
CA ASN M 271 -16.55 49.58 43.81
C ASN M 271 -17.08 48.20 44.21
N ALA M 272 -18.10 47.74 43.50
CA ALA M 272 -18.71 46.45 43.80
C ALA M 272 -17.67 45.34 43.80
N ARG M 273 -16.78 45.35 42.81
CA ARG M 273 -15.83 44.27 42.64
C ARG M 273 -14.88 44.17 43.82
N SER M 274 -14.34 45.29 44.26
CA SER M 274 -13.43 45.31 45.41
C SER M 274 -14.12 44.81 46.67
N LYS M 275 -15.43 44.97 46.75
CA LYS M 275 -16.20 44.50 47.89
C LYS M 275 -16.82 43.12 47.64
N ASN M 276 -16.51 42.54 46.49
CA ASN M 276 -17.02 41.23 46.10
C ASN M 276 -18.55 41.17 46.07
N VAL M 277 -19.18 42.30 45.77
CA VAL M 277 -20.63 42.35 45.62
C VAL M 277 -20.97 42.07 44.16
N GLY M 278 -21.21 40.79 43.85
CA GLY M 278 -21.40 40.39 42.48
C GLY M 278 -22.45 39.31 42.25
N TRP M 279 -22.56 38.89 40.99
CA TRP M 279 -23.52 37.86 40.59
C TRP M 279 -22.77 36.75 39.89
N ARG M 280 -23.33 35.53 39.97
CA ARG M 280 -22.86 34.44 39.12
C ARG M 280 -23.78 34.36 37.91
N LEU M 281 -23.33 34.97 36.82
CA LEU M 281 -24.12 35.05 35.60
C LEU M 281 -23.59 34.14 34.50
N ASP M 282 -22.35 33.66 34.68
CA ASP M 282 -21.68 32.92 33.63
C ASP M 282 -21.55 31.44 34.01
N TYR M 283 -21.90 30.56 33.08
CA TYR M 283 -22.07 29.15 33.40
C TYR M 283 -21.44 28.21 32.37
N PHE M 284 -21.05 27.03 32.84
CA PHE M 284 -20.83 25.88 31.98
C PHE M 284 -21.91 24.84 32.31
N LEU M 285 -22.90 24.70 31.45
CA LEU M 285 -23.94 23.69 31.62
C LEU M 285 -23.60 22.46 30.77
N LEU M 286 -23.81 21.28 31.34
CA LEU M 286 -23.43 20.03 30.68
C LEU M 286 -24.59 19.04 30.61
N SER M 287 -24.68 18.30 29.51
CA SER M 287 -25.56 17.15 29.44
C SER M 287 -25.08 16.18 30.52
N HIS M 288 -26.01 15.49 31.18
CA HIS M 288 -25.65 14.57 32.26
C HIS M 288 -24.63 13.54 31.80
N SER M 289 -24.76 13.10 30.56
CA SER M 289 -23.86 12.11 29.98
C SER M 289 -22.40 12.55 30.04
N LEU M 290 -22.16 13.84 30.26
CA LEU M 290 -20.81 14.38 30.26
C LEU M 290 -20.20 14.51 31.66
N LEU M 291 -21.03 14.40 32.69
CA LEU M 291 -20.54 14.57 34.07
C LEU M 291 -19.29 13.75 34.38
N PRO M 292 -19.28 12.46 33.98
CA PRO M 292 -18.12 11.62 34.26
C PRO M 292 -16.81 12.18 33.71
N ALA M 293 -16.93 13.07 32.73
CA ALA M 293 -15.76 13.68 32.10
C ALA M 293 -15.36 14.99 32.77
N LEU M 294 -16.24 15.53 33.59
CA LEU M 294 -15.99 16.80 34.27
C LEU M 294 -14.85 16.67 35.28
N CYS M 295 -13.78 17.41 35.06
CA CYS M 295 -12.65 17.45 35.98
C CYS M 295 -12.79 18.62 36.94
N ASP M 296 -13.16 19.79 36.41
CA ASP M 296 -13.35 20.97 37.23
C ASP M 296 -14.01 22.09 36.43
N SER M 297 -14.63 23.02 37.16
CA SER M 297 -15.20 24.23 36.59
C SER M 297 -14.74 25.41 37.44
N LYS M 298 -14.04 26.35 36.81
CA LYS M 298 -13.34 27.40 37.55
C LYS M 298 -13.95 28.78 37.35
N ILE M 299 -13.55 29.70 38.24
CA ILE M 299 -13.91 31.10 38.11
C ILE M 299 -12.66 31.94 38.34
N ARG M 300 -12.15 32.55 37.26
CA ARG M 300 -10.91 33.30 37.30
C ARG M 300 -11.13 34.70 37.87
N SER M 301 -11.48 34.75 39.15
CA SER M 301 -11.87 36.00 39.80
C SER M 301 -10.88 37.14 39.58
N LYS M 302 -9.59 36.82 39.50
CA LYS M 302 -8.54 37.84 39.44
C LYS M 302 -8.37 38.50 38.08
N ALA M 303 -8.87 37.86 37.02
CA ALA M 303 -8.64 38.34 35.67
C ALA M 303 -9.43 39.60 35.35
N LEU M 304 -8.73 40.63 34.92
CA LEU M 304 -9.32 41.95 34.71
C LEU M 304 -9.50 42.24 33.21
N GLY M 305 -10.19 43.35 32.93
CA GLY M 305 -10.43 43.79 31.57
C GLY M 305 -11.90 43.96 31.23
N SER M 306 -12.77 43.56 32.14
CA SER M 306 -14.20 43.64 31.94
C SER M 306 -14.88 43.65 33.30
N ASP M 307 -16.20 43.82 33.30
CA ASP M 307 -16.97 43.73 34.54
C ASP M 307 -17.37 42.28 34.81
N HIS M 308 -17.10 41.41 33.84
CA HIS M 308 -17.16 39.97 34.09
C HIS M 308 -15.74 39.43 34.19
N CYS M 309 -15.58 38.31 34.88
CA CYS M 309 -14.31 37.59 34.85
C CYS M 309 -14.50 36.30 34.07
N PRO M 310 -13.42 35.71 33.59
CA PRO M 310 -13.53 34.48 32.79
C PRO M 310 -13.86 33.26 33.64
N ILE M 311 -14.49 32.27 33.03
CA ILE M 311 -14.68 30.96 33.64
C ILE M 311 -13.99 29.90 32.79
N THR M 312 -13.74 28.73 33.35
CA THR M 312 -12.94 27.73 32.68
C THR M 312 -13.38 26.31 33.01
N LEU M 313 -13.54 25.50 31.97
CA LEU M 313 -14.01 24.13 32.11
C LEU M 313 -12.92 23.14 31.68
N TYR M 314 -12.66 22.15 32.52
CA TYR M 314 -11.72 21.08 32.20
C TYR M 314 -12.47 19.77 31.96
N LEU M 315 -12.37 19.20 30.76
CA LEU M 315 -13.01 17.92 30.47
C LEU M 315 -12.01 16.83 30.15
N ALA M 316 -12.39 15.59 30.42
CA ALA M 316 -11.56 14.43 30.09
C ALA M 316 -12.25 13.55 29.06
N LEU M 317 -12.20 13.98 27.80
CA LEU M 317 -12.70 13.19 26.68
C LEU M 317 -11.62 12.27 26.09
#